data_1YZM
# 
_entry.id   1YZM 
# 
_audit_conform.dict_name       mmcif_pdbx.dic 
_audit_conform.dict_version    5.376 
_audit_conform.dict_location   http://mmcif.pdb.org/dictionaries/ascii/mmcif_pdbx.dic 
# 
loop_
_database_2.database_id 
_database_2.database_code 
_database_2.pdbx_database_accession 
_database_2.pdbx_DOI 
PDB   1YZM         pdb_00001yzm 10.2210/pdb1yzm/pdb 
RCSB  RCSB032111   ?            ?                   
WWPDB D_1000032111 ?            ?                   
# 
_pdbx_database_status.status_code                     REL 
_pdbx_database_status.entry_id                        1YZM 
_pdbx_database_status.recvd_initial_deposition_date   2005-02-28 
_pdbx_database_status.deposit_site                    RCSB 
_pdbx_database_status.process_site                    RCSB 
_pdbx_database_status.status_code_sf                  REL 
_pdbx_database_status.status_code_mr                  ? 
_pdbx_database_status.SG_entry                        ? 
_pdbx_database_status.pdb_format_compatible           Y 
_pdbx_database_status.status_code_cs                  ? 
_pdbx_database_status.methods_development_category    ? 
_pdbx_database_status.status_code_nmr_data            ? 
# 
loop_
_audit_author.name 
_audit_author.pdbx_ordinal 
'Eathiraj, S.'    1 
'Pan, X.'         2 
'Ritacco, C.'     3 
'Lambright, D.G.' 4 
# 
_citation.id                        primary 
_citation.title                     'Structural basis of family-wide Rab GTPase recognition by rabenosyn-5.' 
_citation.journal_abbrev            Nature 
_citation.journal_volume            436 
_citation.page_first                415 
_citation.page_last                 419 
_citation.year                      2005 
_citation.journal_id_ASTM           NATUAS 
_citation.country                   UK 
_citation.journal_id_ISSN           0028-0836 
_citation.journal_id_CSD            0006 
_citation.book_publisher            ? 
_citation.pdbx_database_id_PubMed   16034420 
_citation.pdbx_database_id_DOI      10.1038/nature03798 
# 
loop_
_citation_author.citation_id 
_citation_author.name 
_citation_author.ordinal 
_citation_author.identifier_ORCID 
primary 'Eathiraj, S.'    1 ? 
primary 'Pan, X.'         2 ? 
primary 'Ritacco, C.'     3 ? 
primary 'Lambright, D.G.' 4 ? 
# 
_cell.entry_id           1YZM 
_cell.length_a           26.366 
_cell.length_b           42.236 
_cell.length_c           43.059 
_cell.angle_alpha        90.00 
_cell.angle_beta         90.00 
_cell.angle_gamma        90.00 
_cell.Z_PDB              4 
_cell.pdbx_unique_axis   ? 
# 
_symmetry.entry_id                         1YZM 
_symmetry.space_group_name_H-M             'P 21 21 21' 
_symmetry.pdbx_full_space_group_name_H-M   ? 
_symmetry.cell_setting                     ? 
_symmetry.Int_Tables_number                19 
_symmetry.space_group_name_Hall            ? 
# 
loop_
_entity.id 
_entity.type 
_entity.src_method 
_entity.pdbx_description 
_entity.formula_weight 
_entity.pdbx_number_of_molecules 
_entity.pdbx_ec 
_entity.pdbx_mutation 
_entity.pdbx_fragment 
_entity.details 
1 polymer man 'FYVE-finger-containing Rab5 effector protein rabenosyn-5' 5901.560 1  ? ? 
'RAB4 binding domain, sequence database residues 458-503' ? 
2 water   nat water                                                      18.015   84 ? ? ? ? 
# 
_entity_poly.entity_id                      1 
_entity_poly.type                           'polypeptide(L)' 
_entity_poly.nstd_linkage                   no 
_entity_poly.nstd_monomer                   no 
_entity_poly.pdbx_seq_one_letter_code       GPLGSPLLQQIHNITSFIRQAKAAGRMDEVRTLQENLRQLQDEYDQQQTEK 
_entity_poly.pdbx_seq_one_letter_code_can   GPLGSPLLQQIHNITSFIRQAKAAGRMDEVRTLQENLRQLQDEYDQQQTEK 
_entity_poly.pdbx_strand_id                 A 
_entity_poly.pdbx_target_identifier         ? 
# 
loop_
_entity_poly_seq.entity_id 
_entity_poly_seq.num 
_entity_poly_seq.mon_id 
_entity_poly_seq.hetero 
1 1  GLY n 
1 2  PRO n 
1 3  LEU n 
1 4  GLY n 
1 5  SER n 
1 6  PRO n 
1 7  LEU n 
1 8  LEU n 
1 9  GLN n 
1 10 GLN n 
1 11 ILE n 
1 12 HIS n 
1 13 ASN n 
1 14 ILE n 
1 15 THR n 
1 16 SER n 
1 17 PHE n 
1 18 ILE n 
1 19 ARG n 
1 20 GLN n 
1 21 ALA n 
1 22 LYS n 
1 23 ALA n 
1 24 ALA n 
1 25 GLY n 
1 26 ARG n 
1 27 MET n 
1 28 ASP n 
1 29 GLU n 
1 30 VAL n 
1 31 ARG n 
1 32 THR n 
1 33 LEU n 
1 34 GLN n 
1 35 GLU n 
1 36 ASN n 
1 37 LEU n 
1 38 ARG n 
1 39 GLN n 
1 40 LEU n 
1 41 GLN n 
1 42 ASP n 
1 43 GLU n 
1 44 TYR n 
1 45 ASP n 
1 46 GLN n 
1 47 GLN n 
1 48 GLN n 
1 49 THR n 
1 50 GLU n 
1 51 LYS n 
# 
_entity_src_gen.entity_id                          1 
_entity_src_gen.pdbx_src_id                        1 
_entity_src_gen.pdbx_alt_source_flag               sample 
_entity_src_gen.pdbx_seq_type                      ? 
_entity_src_gen.pdbx_beg_seq_num                   ? 
_entity_src_gen.pdbx_end_seq_num                   ? 
_entity_src_gen.gene_src_common_name               human 
_entity_src_gen.gene_src_genus                     Homo 
_entity_src_gen.pdbx_gene_src_gene                 ? 
_entity_src_gen.gene_src_species                   ? 
_entity_src_gen.gene_src_strain                    ? 
_entity_src_gen.gene_src_tissue                    ? 
_entity_src_gen.gene_src_tissue_fraction           ? 
_entity_src_gen.gene_src_details                   ? 
_entity_src_gen.pdbx_gene_src_fragment             ? 
_entity_src_gen.pdbx_gene_src_scientific_name      'Homo sapiens' 
_entity_src_gen.pdbx_gene_src_ncbi_taxonomy_id     9606 
_entity_src_gen.pdbx_gene_src_variant              ? 
_entity_src_gen.pdbx_gene_src_cell_line            ? 
_entity_src_gen.pdbx_gene_src_atcc                 ? 
_entity_src_gen.pdbx_gene_src_organ                ? 
_entity_src_gen.pdbx_gene_src_organelle            ? 
_entity_src_gen.pdbx_gene_src_cell                 ? 
_entity_src_gen.pdbx_gene_src_cellular_location    ? 
_entity_src_gen.host_org_common_name               ? 
_entity_src_gen.pdbx_host_org_scientific_name      'Escherichia coli' 
_entity_src_gen.pdbx_host_org_ncbi_taxonomy_id     562 
_entity_src_gen.host_org_genus                     Escherichia 
_entity_src_gen.pdbx_host_org_gene                 ? 
_entity_src_gen.pdbx_host_org_organ                ? 
_entity_src_gen.host_org_species                   ? 
_entity_src_gen.pdbx_host_org_tissue               ? 
_entity_src_gen.pdbx_host_org_tissue_fraction      ? 
_entity_src_gen.pdbx_host_org_strain               'BL21 (DE3) Codon Plus-RIL Cells' 
_entity_src_gen.pdbx_host_org_variant              ? 
_entity_src_gen.pdbx_host_org_cell_line            ? 
_entity_src_gen.pdbx_host_org_atcc                 ? 
_entity_src_gen.pdbx_host_org_culture_collection   ? 
_entity_src_gen.pdbx_host_org_cell                 ? 
_entity_src_gen.pdbx_host_org_organelle            ? 
_entity_src_gen.pdbx_host_org_cellular_location    ? 
_entity_src_gen.pdbx_host_org_vector_type          'GST fusion vector, pGEX' 
_entity_src_gen.pdbx_host_org_vector               ? 
_entity_src_gen.host_org_details                   ? 
_entity_src_gen.expression_system_id               ? 
_entity_src_gen.plasmid_name                       pGEX6P1 
_entity_src_gen.plasmid_details                    ? 
_entity_src_gen.pdbx_description                   ? 
# 
_struct_ref.id                         1 
_struct_ref.db_name                    UNP 
_struct_ref.db_code                    RBNS5_HUMAN 
_struct_ref.pdbx_db_accession          Q9H1K0 
_struct_ref.entity_id                  1 
_struct_ref.pdbx_seq_one_letter_code   PLLQQIHNITSFIRQAKAAGRMDEVRTLQENLRQLQDEYDQQQTEK 
_struct_ref.pdbx_align_begin           458 
_struct_ref.pdbx_db_isoform            ? 
# 
_struct_ref_seq.align_id                      1 
_struct_ref_seq.ref_id                        1 
_struct_ref_seq.pdbx_PDB_id_code              1YZM 
_struct_ref_seq.pdbx_strand_id                A 
_struct_ref_seq.seq_align_beg                 6 
_struct_ref_seq.pdbx_seq_align_beg_ins_code   ? 
_struct_ref_seq.seq_align_end                 51 
_struct_ref_seq.pdbx_seq_align_end_ins_code   ? 
_struct_ref_seq.pdbx_db_accession             Q9H1K0 
_struct_ref_seq.db_align_beg                  458 
_struct_ref_seq.pdbx_db_align_beg_ins_code    ? 
_struct_ref_seq.db_align_end                  503 
_struct_ref_seq.pdbx_db_align_end_ins_code    ? 
_struct_ref_seq.pdbx_auth_seq_align_beg       458 
_struct_ref_seq.pdbx_auth_seq_align_end       503 
# 
loop_
_struct_ref_seq_dif.align_id 
_struct_ref_seq_dif.pdbx_pdb_id_code 
_struct_ref_seq_dif.mon_id 
_struct_ref_seq_dif.pdbx_pdb_strand_id 
_struct_ref_seq_dif.seq_num 
_struct_ref_seq_dif.pdbx_pdb_ins_code 
_struct_ref_seq_dif.pdbx_seq_db_name 
_struct_ref_seq_dif.pdbx_seq_db_accession_code 
_struct_ref_seq_dif.db_mon_id 
_struct_ref_seq_dif.pdbx_seq_db_seq_num 
_struct_ref_seq_dif.details 
_struct_ref_seq_dif.pdbx_auth_seq_num 
_struct_ref_seq_dif.pdbx_ordinal 
1 1YZM GLY A 1 ? UNP Q9H1K0 ? ? 'cloning artifact' 453 1 
1 1YZM PRO A 2 ? UNP Q9H1K0 ? ? 'cloning artifact' 454 2 
1 1YZM LEU A 3 ? UNP Q9H1K0 ? ? 'cloning artifact' 455 3 
1 1YZM GLY A 4 ? UNP Q9H1K0 ? ? 'cloning artifact' 456 4 
1 1YZM SER A 5 ? UNP Q9H1K0 ? ? 'cloning artifact' 457 5 
# 
loop_
_chem_comp.id 
_chem_comp.type 
_chem_comp.mon_nstd_flag 
_chem_comp.name 
_chem_comp.pdbx_synonyms 
_chem_comp.formula 
_chem_comp.formula_weight 
ALA 'L-peptide linking' y ALANINE         ? 'C3 H7 N O2'     89.093  
ARG 'L-peptide linking' y ARGININE        ? 'C6 H15 N4 O2 1' 175.209 
ASN 'L-peptide linking' y ASPARAGINE      ? 'C4 H8 N2 O3'    132.118 
ASP 'L-peptide linking' y 'ASPARTIC ACID' ? 'C4 H7 N O4'     133.103 
GLN 'L-peptide linking' y GLUTAMINE       ? 'C5 H10 N2 O3'   146.144 
GLU 'L-peptide linking' y 'GLUTAMIC ACID' ? 'C5 H9 N O4'     147.129 
GLY 'peptide linking'   y GLYCINE         ? 'C2 H5 N O2'     75.067  
HIS 'L-peptide linking' y HISTIDINE       ? 'C6 H10 N3 O2 1' 156.162 
HOH non-polymer         . WATER           ? 'H2 O'           18.015  
ILE 'L-peptide linking' y ISOLEUCINE      ? 'C6 H13 N O2'    131.173 
LEU 'L-peptide linking' y LEUCINE         ? 'C6 H13 N O2'    131.173 
LYS 'L-peptide linking' y LYSINE          ? 'C6 H15 N2 O2 1' 147.195 
MET 'L-peptide linking' y METHIONINE      ? 'C5 H11 N O2 S'  149.211 
PHE 'L-peptide linking' y PHENYLALANINE   ? 'C9 H11 N O2'    165.189 
PRO 'L-peptide linking' y PROLINE         ? 'C5 H9 N O2'     115.130 
SER 'L-peptide linking' y SERINE          ? 'C3 H7 N O3'     105.093 
THR 'L-peptide linking' y THREONINE       ? 'C4 H9 N O3'     119.119 
TYR 'L-peptide linking' y TYROSINE        ? 'C9 H11 N O3'    181.189 
VAL 'L-peptide linking' y VALINE          ? 'C5 H11 N O2'    117.146 
# 
_exptl.entry_id          1YZM 
_exptl.method            'X-RAY DIFFRACTION' 
_exptl.crystals_number   1 
# 
_exptl_crystal.id                    1 
_exptl_crystal.density_meas          ? 
_exptl_crystal.density_Matthews      2.37 
_exptl_crystal.density_percent_sol   47.74 
_exptl_crystal.description           ? 
_exptl_crystal.F_000                 ? 
_exptl_crystal.preparation           ? 
# 
_exptl_crystal_grow.crystal_id      1 
_exptl_crystal_grow.method          'VAPOR DIFFUSION, HANGING DROP' 
_exptl_crystal_grow.temp            277.0 
_exptl_crystal_grow.temp_details    ? 
_exptl_crystal_grow.pH              5.0 
_exptl_crystal_grow.pdbx_details    '10% PEG 6000, 50mM Na acetate, pH 5.0, VAPOR DIFFUSION, HANGING DROP, temperature 4K' 
_exptl_crystal_grow.pdbx_pH_range   . 
# 
_diffrn.id                     1 
_diffrn.ambient_temp           100 
_diffrn.ambient_temp_details   ? 
_diffrn.crystal_id             1 
# 
_diffrn_detector.diffrn_id              1 
_diffrn_detector.detector               'IMAGE PLATE' 
_diffrn_detector.type                   'MAR scanner 300 mm plate' 
_diffrn_detector.pdbx_collection_date   2003-11-03 
_diffrn_detector.details                'osmic mirror' 
# 
_diffrn_radiation.diffrn_id                        1 
_diffrn_radiation.wavelength_id                    1 
_diffrn_radiation.pdbx_monochromatic_or_laue_m_l   M 
_diffrn_radiation.monochromator                    ? 
_diffrn_radiation.pdbx_diffrn_protocol             'SINGLE WAVELENGTH' 
_diffrn_radiation.pdbx_scattering_type             x-ray 
# 
_diffrn_radiation_wavelength.id           1 
_diffrn_radiation_wavelength.wavelength   1.5418 
_diffrn_radiation_wavelength.wt           1.0 
# 
_diffrn_source.diffrn_id                   1 
_diffrn_source.source                      'ROTATING ANODE' 
_diffrn_source.type                        'RIGAKU RUH3R' 
_diffrn_source.pdbx_synchrotron_site       ? 
_diffrn_source.pdbx_synchrotron_beamline   ? 
_diffrn_source.pdbx_wavelength             1.5418 
_diffrn_source.pdbx_wavelength_list        ? 
# 
_reflns.entry_id                     1YZM 
_reflns.observed_criterion_sigma_F   0 
_reflns.observed_criterion_sigma_I   0 
_reflns.d_resolution_high            1.50 
_reflns.d_resolution_low             50 
_reflns.number_all                   ? 
_reflns.number_obs                   7561 
_reflns.percent_possible_obs         94.1 
_reflns.pdbx_Rmerge_I_obs            ? 
_reflns.pdbx_Rsym_value              0.07 
_reflns.pdbx_netI_over_sigmaI        19.5 
_reflns.B_iso_Wilson_estimate        25 
_reflns.pdbx_redundancy              3 
_reflns.R_free_details               ? 
_reflns.limit_h_max                  ? 
_reflns.limit_h_min                  ? 
_reflns.limit_k_max                  ? 
_reflns.limit_k_min                  ? 
_reflns.limit_l_max                  ? 
_reflns.limit_l_min                  ? 
_reflns.observed_criterion_F_max     ? 
_reflns.observed_criterion_F_min     ? 
_reflns.pdbx_chi_squared             ? 
_reflns.pdbx_scaling_rejects         ? 
_reflns.pdbx_diffrn_id               1 
_reflns.pdbx_ordinal                 1 
# 
_reflns_shell.d_res_high             1.50 
_reflns_shell.d_res_low              1.54 
_reflns_shell.percent_possible_all   80.7 
_reflns_shell.Rmerge_I_obs           ? 
_reflns_shell.pdbx_Rsym_value        0.221 
_reflns_shell.meanI_over_sigI_obs    5.8 
_reflns_shell.pdbx_redundancy        3 
_reflns_shell.percent_possible_obs   ? 
_reflns_shell.number_unique_all      531 
_reflns_shell.number_measured_all    ? 
_reflns_shell.number_measured_obs    ? 
_reflns_shell.number_unique_obs      ? 
_reflns_shell.pdbx_chi_squared       ? 
_reflns_shell.pdbx_diffrn_id         ? 
_reflns_shell.pdbx_ordinal           1 
# 
_refine.entry_id                                 1YZM 
_refine.ls_number_reflns_obs                     7104 
_refine.ls_number_reflns_all                     7679 
_refine.pdbx_ls_sigma_I                          ? 
_refine.pdbx_ls_sigma_F                          0 
_refine.pdbx_data_cutoff_high_absF               ? 
_refine.pdbx_data_cutoff_low_absF                ? 
_refine.pdbx_data_cutoff_high_rms_absF           ? 
_refine.ls_d_res_low                             6.00 
_refine.ls_d_res_high                            1.50 
_refine.ls_percent_reflns_obs                    93.67 
_refine.ls_R_factor_obs                          0.19556 
_refine.ls_R_factor_all                          0.208 
_refine.ls_R_factor_R_work                       0.19511 
_refine.ls_R_factor_R_free                       0.20537 
_refine.ls_R_factor_R_free_error                 ? 
_refine.ls_R_factor_R_free_error_details         ? 
_refine.ls_percent_reflns_R_free                 4.5 
_refine.ls_number_reflns_R_free                  335 
_refine.ls_number_parameters                     ? 
_refine.ls_number_restraints                     ? 
_refine.occupancy_min                            ? 
_refine.occupancy_max                            ? 
_refine.correlation_coeff_Fo_to_Fc               0.956 
_refine.correlation_coeff_Fo_to_Fc_free          0.957 
_refine.B_iso_mean                               14.817 
_refine.aniso_B[1][1]                            -0.59 
_refine.aniso_B[2][2]                            -0.44 
_refine.aniso_B[3][3]                            1.02 
_refine.aniso_B[1][2]                            0.00 
_refine.aniso_B[1][3]                            0.00 
_refine.aniso_B[2][3]                            0.00 
_refine.solvent_model_details                    'BABINET MODEL WITH MASK' 
_refine.solvent_model_param_ksol                 ? 
_refine.solvent_model_param_bsol                 ? 
_refine.pdbx_solvent_vdw_probe_radii             1.20 
_refine.pdbx_solvent_ion_probe_radii             0.80 
_refine.pdbx_solvent_shrinkage_radii             0.80 
_refine.pdbx_ls_cross_valid_method               THROUGHOUT 
_refine.details                                  'HYDROGENS HAVE BEEN ADDED IN THE RIDING POSITIONS' 
_refine.pdbx_starting_model                      
;Polyalanine-gp41 
(PDB ID; 1AIK.pdb)
;
_refine.pdbx_method_to_determine_struct          'MOLECULAR REPLACEMENT' 
_refine.pdbx_isotropic_thermal_model             ? 
_refine.pdbx_stereochemistry_target_values       'MAXIMUM LIKELIHOOD' 
_refine.pdbx_stereochem_target_val_spec_case     ? 
_refine.pdbx_R_Free_selection_details            RANDOM 
_refine.pdbx_overall_ESU_R                       0.084 
_refine.pdbx_overall_ESU_R_Free                  0.080 
_refine.overall_SU_ML                            0.052 
_refine.overall_SU_B                             1.375 
_refine.ls_redundancy_reflns_obs                 ? 
_refine.B_iso_min                                ? 
_refine.B_iso_max                                ? 
_refine.overall_SU_R_Cruickshank_DPI             ? 
_refine.overall_SU_R_free                        ? 
_refine.ls_wR_factor_R_free                      ? 
_refine.ls_wR_factor_R_work                      ? 
_refine.overall_FOM_free_R_set                   ? 
_refine.overall_FOM_work_R_set                   ? 
_refine.pdbx_refine_id                           'X-RAY DIFFRACTION' 
_refine.pdbx_diffrn_id                           1 
_refine.pdbx_TLS_residual_ADP_flag               ? 
_refine.pdbx_overall_phase_error                 ? 
_refine.pdbx_overall_SU_R_free_Cruickshank_DPI   ? 
_refine.pdbx_overall_SU_R_Blow_DPI               ? 
_refine.pdbx_overall_SU_R_free_Blow_DPI          ? 
# 
_refine_hist.pdbx_refine_id                   'X-RAY DIFFRACTION' 
_refine_hist.cycle_id                         LAST 
_refine_hist.pdbx_number_atoms_protein        361 
_refine_hist.pdbx_number_atoms_nucleic_acid   0 
_refine_hist.pdbx_number_atoms_ligand         0 
_refine_hist.number_atoms_solvent             84 
_refine_hist.number_atoms_total               445 
_refine_hist.d_res_high                       1.50 
_refine_hist.d_res_low                        6.00 
# 
loop_
_refine_ls_restr.type 
_refine_ls_restr.dev_ideal 
_refine_ls_restr.dev_ideal_target 
_refine_ls_restr.weight 
_refine_ls_restr.number 
_refine_ls_restr.pdbx_refine_id 
_refine_ls_restr.pdbx_restraint_function 
r_bond_refined_d             0.008  0.021  ? 364 'X-RAY DIFFRACTION' ? 
r_bond_other_d               0.002  0.020  ? 330 'X-RAY DIFFRACTION' ? 
r_angle_refined_deg          0.940  1.942  ? 490 'X-RAY DIFFRACTION' ? 
r_angle_other_deg            0.802  3.000  ? 768 'X-RAY DIFFRACTION' ? 
r_dihedral_angle_1_deg       4.025  5.000  ? 45  'X-RAY DIFFRACTION' ? 
r_dihedral_angle_2_deg       49.426 25.714 ? 21  'X-RAY DIFFRACTION' ? 
r_dihedral_angle_3_deg       10.230 15.000 ? 66  'X-RAY DIFFRACTION' ? 
r_dihedral_angle_4_deg       19.785 15.000 ? 3   'X-RAY DIFFRACTION' ? 
r_chiral_restr               0.051  0.200  ? 55  'X-RAY DIFFRACTION' ? 
r_gen_planes_refined         0.002  0.020  ? 412 'X-RAY DIFFRACTION' ? 
r_gen_planes_other           0.001  0.020  ? 67  'X-RAY DIFFRACTION' ? 
r_nbd_refined                0.202  0.200  ? 80  'X-RAY DIFFRACTION' ? 
r_nbd_other                  0.153  0.200  ? 266 'X-RAY DIFFRACTION' ? 
r_nbtor_refined              0.164  0.200  ? 169 'X-RAY DIFFRACTION' ? 
r_nbtor_other                0.075  0.200  ? 194 'X-RAY DIFFRACTION' ? 
r_xyhbond_nbd_refined        0.088  0.200  ? 40  'X-RAY DIFFRACTION' ? 
r_xyhbond_nbd_other          ?      ?      ? ?   'X-RAY DIFFRACTION' ? 
r_metal_ion_refined          ?      ?      ? ?   'X-RAY DIFFRACTION' ? 
r_metal_ion_other            ?      ?      ? ?   'X-RAY DIFFRACTION' ? 
r_symmetry_vdw_refined       0.261  0.200  ? 4   'X-RAY DIFFRACTION' ? 
r_symmetry_vdw_other         0.324  0.200  ? 24  'X-RAY DIFFRACTION' ? 
r_symmetry_hbond_refined     0.180  0.200  ? 15  'X-RAY DIFFRACTION' ? 
r_symmetry_hbond_other       ?      ?      ? ?   'X-RAY DIFFRACTION' ? 
r_symmetry_metal_ion_refined ?      ?      ? ?   'X-RAY DIFFRACTION' ? 
r_symmetry_metal_ion_other   ?      ?      ? ?   'X-RAY DIFFRACTION' ? 
r_mcbond_it                  ?      ?      ? ?   'X-RAY DIFFRACTION' ? 
r_mcbond_other               ?      ?      ? ?   'X-RAY DIFFRACTION' ? 
r_mcangle_it                 ?      ?      ? ?   'X-RAY DIFFRACTION' ? 
r_scbond_it                  ?      ?      ? ?   'X-RAY DIFFRACTION' ? 
r_scangle_it                 ?      ?      ? ?   'X-RAY DIFFRACTION' ? 
r_rigid_bond_restr           ?      ?      ? ?   'X-RAY DIFFRACTION' ? 
r_sphericity_free            ?      ?      ? ?   'X-RAY DIFFRACTION' ? 
r_sphericity_bonded          ?      ?      ? ?   'X-RAY DIFFRACTION' ? 
# 
_refine_ls_shell.pdbx_total_number_of_bins_used   20 
_refine_ls_shell.d_res_high                       1.502 
_refine_ls_shell.d_res_low                        1.539 
_refine_ls_shell.number_reflns_R_work             434 
_refine_ls_shell.R_factor_R_work                  0.339 
_refine_ls_shell.percent_reflns_obs               82.79 
_refine_ls_shell.R_factor_R_free                  0.686 
_refine_ls_shell.R_factor_R_free_error            ? 
_refine_ls_shell.percent_reflns_R_free            ? 
_refine_ls_shell.number_reflns_R_free             23 
_refine_ls_shell.number_reflns_obs                ? 
_refine_ls_shell.redundancy_reflns_obs            ? 
_refine_ls_shell.number_reflns_all                ? 
_refine_ls_shell.pdbx_refine_id                   'X-RAY DIFFRACTION' 
_refine_ls_shell.R_factor_all                     ? 
# 
_struct.entry_id                  1YZM 
_struct.title                     'Structure of Rabenosyn (458-503), Rab4 binding domain' 
_struct.pdbx_model_details        ? 
_struct.pdbx_CASP_flag            ? 
_struct.pdbx_model_type_details   ? 
# 
_struct_keywords.entry_id        1YZM 
_struct_keywords.pdbx_keywords   'PROTEIN TRANSPORT' 
_struct_keywords.text            'Rab Effector, Rabenosyn, Rab GTPase, vesicular trafficking, protein transport' 
# 
loop_
_struct_asym.id 
_struct_asym.pdbx_blank_PDB_chainid_flag 
_struct_asym.pdbx_modified 
_struct_asym.entity_id 
_struct_asym.details 
A N N 1 ? 
B N N 2 ? 
# 
_struct_biol.id                    1 
_struct_biol.pdbx_parent_biol_id   ? 
_struct_biol.details               ? 
# 
loop_
_struct_conf.conf_type_id 
_struct_conf.id 
_struct_conf.pdbx_PDB_helix_id 
_struct_conf.beg_label_comp_id 
_struct_conf.beg_label_asym_id 
_struct_conf.beg_label_seq_id 
_struct_conf.pdbx_beg_PDB_ins_code 
_struct_conf.end_label_comp_id 
_struct_conf.end_label_asym_id 
_struct_conf.end_label_seq_id 
_struct_conf.pdbx_end_PDB_ins_code 
_struct_conf.beg_auth_comp_id 
_struct_conf.beg_auth_asym_id 
_struct_conf.beg_auth_seq_id 
_struct_conf.end_auth_comp_id 
_struct_conf.end_auth_asym_id 
_struct_conf.end_auth_seq_id 
_struct_conf.pdbx_PDB_helix_class 
_struct_conf.details 
_struct_conf.pdbx_PDB_helix_length 
HELX_P HELX_P1 1 GLY A 4  ? ALA A 24 ? GLY A 456 ALA A 476 1 ? 21 
HELX_P HELX_P2 2 ARG A 26 ? THR A 49 ? ARG A 478 THR A 501 1 ? 24 
# 
_struct_conf_type.id          HELX_P 
_struct_conf_type.criteria    ? 
_struct_conf_type.reference   ? 
# 
_atom_sites.entry_id                    1YZM 
_atom_sites.fract_transf_matrix[1][1]   -0.00080578 
_atom_sites.fract_transf_matrix[1][2]   -0.01461495 
_atom_sites.fract_transf_matrix[1][3]   0.03498982 
_atom_sites.fract_transf_matrix[2][1]   0.01992130 
_atom_sites.fract_transf_matrix[2][2]   0.01163623 
_atom_sites.fract_transf_matrix[2][3]   0.00531912 
_atom_sites.fract_transf_matrix[3][1]   -0.01254037 
_atom_sites.fract_transf_matrix[3][2]   0.01813804 
_atom_sites.fract_transf_matrix[3][3]   0.00728731 
_atom_sites.fract_transf_vector[1]      0.311188 
_atom_sites.fract_transf_vector[2]      -0.050266 
_atom_sites.fract_transf_vector[3]      0.447458 
# 
loop_
_atom_type.symbol 
C 
N 
O 
S 
# 
loop_
_atom_site.group_PDB 
_atom_site.id 
_atom_site.type_symbol 
_atom_site.label_atom_id 
_atom_site.label_alt_id 
_atom_site.label_comp_id 
_atom_site.label_asym_id 
_atom_site.label_entity_id 
_atom_site.label_seq_id 
_atom_site.pdbx_PDB_ins_code 
_atom_site.Cartn_x 
_atom_site.Cartn_y 
_atom_site.Cartn_z 
_atom_site.occupancy 
_atom_site.B_iso_or_equiv 
_atom_site.pdbx_formal_charge 
_atom_site.auth_seq_id 
_atom_site.auth_comp_id 
_atom_site.auth_asym_id 
_atom_site.auth_atom_id 
_atom_site.pdbx_PDB_model_num 
ATOM   1   N N   . GLY A 1 4  ? 10.165  11.003  -2.689  1.00 30.88 ? 456 GLY A N   1 
ATOM   2   C CA  . GLY A 1 4  ? 9.546   11.042  -1.336  1.00 25.52 ? 456 GLY A CA  1 
ATOM   3   C C   . GLY A 1 4  ? 8.045   11.253  -1.338  1.00 27.43 ? 456 GLY A C   1 
ATOM   4   O O   . GLY A 1 4  ? 7.283   10.291  -1.295  1.00 24.95 ? 456 GLY A O   1 
ATOM   5   N N   . SER A 1 5  ? 7.623   12.515  -1.388  1.00 25.64 ? 457 SER A N   1 
ATOM   6   C CA  . SER A 1 5  ? 6.225   12.894  -1.147  1.00 25.76 ? 457 SER A CA  1 
ATOM   7   C C   . SER A 1 5  ? 5.203   12.268  -2.106  1.00 24.43 ? 457 SER A C   1 
ATOM   8   O O   . SER A 1 5  ? 4.141   11.844  -1.661  1.00 21.84 ? 457 SER A O   1 
ATOM   9   C CB  . SER A 1 5  ? 6.072   14.420  -1.144  1.00 28.17 ? 457 SER A CB  1 
ATOM   10  O OG  . SER A 1 5  ? 6.846   14.999  -0.107  1.00 34.94 ? 457 SER A OG  1 
ATOM   11  N N   . PRO A 1 6  ? 5.502   12.228  -3.417  1.00 24.31 ? 458 PRO A N   1 
ATOM   12  C CA  . PRO A 1 6  ? 4.597   11.514  -4.330  1.00 23.13 ? 458 PRO A CA  1 
ATOM   13  C C   . PRO A 1 6  ? 4.428   10.023  -3.986  1.00 21.89 ? 458 PRO A C   1 
ATOM   14  O O   . PRO A 1 6  ? 3.299   9.512   -4.001  1.00 18.59 ? 458 PRO A O   1 
ATOM   15  C CB  . PRO A 1 6  ? 5.266   11.693  -5.700  1.00 23.80 ? 458 PRO A CB  1 
ATOM   16  C CG  . PRO A 1 6  ? 6.134   12.907  -5.543  1.00 19.28 ? 458 PRO A CG  1 
ATOM   17  C CD  . PRO A 1 6  ? 6.627   12.850  -4.141  1.00 19.28 ? 458 PRO A CD  1 
ATOM   18  N N   . LEU A 1 7  ? 5.531   9.339   -3.683  1.00 20.19 ? 459 LEU A N   1 
ATOM   19  C CA  . LEU A 1 7  ? 5.484   7.931   -3.257  1.00 19.89 ? 459 LEU A CA  1 
ATOM   20  C C   . LEU A 1 7  ? 4.677   7.767   -1.973  1.00 17.26 ? 459 LEU A C   1 
ATOM   21  O O   . LEU A 1 7  ? 3.927   6.801   -1.820  1.00 14.91 ? 459 LEU A O   1 
ATOM   22  C CB  . LEU A 1 7  ? 6.896   7.349   -3.041  1.00 22.43 ? 459 LEU A CB  1 
ATOM   23  C CG  . LEU A 1 7  ? 7.550   6.530   -4.157  1.00 28.19 ? 459 LEU A CG  1 
ATOM   24  C CD1 . LEU A 1 7  ? 8.985   6.176   -3.780  1.00 25.80 ? 459 LEU A CD1 1 
ATOM   25  C CD2 . LEU A 1 7  ? 6.756   5.263   -4.444  1.00 30.83 ? 459 LEU A CD2 1 
ATOM   26  N N   . LEU A 1 8  ? 4.836   8.703   -1.043  1.00 16.18 ? 460 LEU A N   1 
ATOM   27  C CA  . LEU A 1 8  ? 4.080   8.666   0.205   1.00 14.61 ? 460 LEU A CA  1 
ATOM   28  C C   . LEU A 1 8  ? 2.572   8.802   -0.048  1.00 13.39 ? 460 LEU A C   1 
ATOM   29  O O   . LEU A 1 8  ? 1.766   8.175   0.636   1.00 14.65 ? 460 LEU A O   1 
ATOM   30  C CB  . LEU A 1 8  ? 4.562   9.761   1.169   1.00 17.32 ? 460 LEU A CB  1 
ATOM   31  C CG  . LEU A 1 8  ? 4.043   9.679   2.609   1.00 22.29 ? 460 LEU A CG  1 
ATOM   32  C CD1 . LEU A 1 8  ? 4.469   8.372   3.278   1.00 25.04 ? 460 LEU A CD1 1 
ATOM   33  C CD2 . LEU A 1 8  ? 4.540   10.871  3.407   1.00 19.50 ? 460 LEU A CD2 1 
ATOM   34  N N   . GLN A 1 9  ? 2.196   9.623   -1.024  1.00 15.04 ? 461 GLN A N   1 
ATOM   35  C CA  . GLN A 1 9  ? 0.793   9.758   -1.427  1.00 14.55 ? 461 GLN A CA  1 
ATOM   36  C C   . GLN A 1 9  ? 0.234   8.418   -1.914  1.00 15.17 ? 461 GLN A C   1 
ATOM   37  O O   . GLN A 1 9  ? -0.872  8.013   -1.527  1.00 13.95 ? 461 GLN A O   1 
ATOM   38  C CB  . GLN A 1 9  ? 0.661   10.813  -2.527  1.00 19.84 ? 461 GLN A CB  1 
ATOM   39  C CG  . GLN A 1 9  ? -0.737  11.307  -2.773  1.00 22.04 ? 461 GLN A CG  1 
ATOM   40  C CD  . GLN A 1 9  ? -0.753  12.515  -3.702  1.00 25.15 ? 461 GLN A CD  1 
ATOM   41  O OE1 . GLN A 1 9  ? -0.409  12.410  -4.878  1.00 30.57 ? 461 GLN A OE1 1 
ATOM   42  N NE2 . GLN A 1 9  ? -1.137  13.667  -3.173  1.00 26.92 ? 461 GLN A NE2 1 
ATOM   43  N N   . GLN A 1 10 ? 1.000   7.734   -2.762  1.00 14.13 ? 462 GLN A N   1 
ATOM   44  C CA  . GLN A 1 10 ? 0.631   6.402   -3.259  1.00 13.96 ? 462 GLN A CA  1 
ATOM   45  C C   . GLN A 1 10 ? 0.472   5.417   -2.109  1.00 11.15 ? 462 GLN A C   1 
ATOM   46  O O   . GLN A 1 10 ? -0.490  4.644   -2.071  1.00 14.07 ? 462 GLN A O   1 
ATOM   47  C CB  . GLN A 1 10 ? 1.690   5.854   -4.219  1.00 13.69 ? 462 GLN A CB  1 
ATOM   48  C CG  . GLN A 1 10 ? 1.769   6.510   -5.575  1.00 15.97 ? 462 GLN A CG  1 
ATOM   49  C CD  . GLN A 1 10 ? 2.836   5.850   -6.439  1.00 21.09 ? 462 GLN A CD  1 
ATOM   50  O OE1 . GLN A 1 10 ? 4.016   6.191   -6.354  1.00 24.67 ? 462 GLN A OE1 1 
ATOM   51  N NE2 . GLN A 1 10 ? 2.426   4.887   -7.262  1.00 23.06 ? 462 GLN A NE2 1 
ATOM   52  N N   . ILE A 1 11 ? 1.418   5.442   -1.173  1.00 12.90 ? 463 ILE A N   1 
ATOM   53  C CA  . ILE A 1 11 ? 1.377   4.587   0.015   1.00 13.00 ? 463 ILE A CA  1 
ATOM   54  C C   . ILE A 1 11 ? 0.141   4.879   0.883   1.00 12.80 ? 463 ILE A C   1 
ATOM   55  O O   . ILE A 1 11 ? -0.534  3.943   1.330   1.00 13.50 ? 463 ILE A O   1 
ATOM   56  C CB  . ILE A 1 11 ? 2.695   4.730   0.831   1.00 13.24 ? 463 ILE A CB  1 
ATOM   57  C CG1 . ILE A 1 11 ? 3.828   4.011   0.092   1.00 14.37 ? 463 ILE A CG1 1 
ATOM   58  C CG2 . ILE A 1 11 ? 2.542   4.192   2.249   1.00 15.13 ? 463 ILE A CG2 1 
ATOM   59  C CD1 . ILE A 1 11 ? 5.226   4.350   0.583   1.00 16.34 ? 463 ILE A CD1 1 
ATOM   60  N N   . HIS A 1 12 ? -0.161  6.159   1.110   1.00 13.45 ? 464 HIS A N   1 
ATOM   61  C CA  . HIS A 1 12 ? -1.382  6.544   1.837   1.00 14.23 ? 464 HIS A CA  1 
ATOM   62  C C   . HIS A 1 12 ? -2.621  5.939   1.171   1.00 14.16 ? 464 HIS A C   1 
ATOM   63  O O   . HIS A 1 12 ? -3.528  5.434   1.840   1.00 13.17 ? 464 HIS A O   1 
ATOM   64  C CB  . HIS A 1 12 ? -1.571  8.071   1.870   1.00 15.20 ? 464 HIS A CB  1 
ATOM   65  C CG  . HIS A 1 12 ? -0.606  8.808   2.750   1.00 15.08 ? 464 HIS A CG  1 
ATOM   66  N ND1 . HIS A 1 12 ? 0.091   8.210   3.777   1.00 20.43 ? 464 HIS A ND1 1 
ATOM   67  C CD2 . HIS A 1 12 ? -0.271  10.119  2.786   1.00 12.57 ? 464 HIS A CD2 1 
ATOM   68  C CE1 . HIS A 1 12 ? 0.842   9.114   4.381   1.00 17.20 ? 464 HIS A CE1 1 
ATOM   69  N NE2 . HIS A 1 12 ? 0.637   10.283  3.803   1.00 20.74 ? 464 HIS A NE2 1 
ATOM   70  N N   . ASN A 1 13 ? -2.662  6.026   -0.154  1.00 13.57 ? 465 ASN A N   1 
ATOM   71  C CA  . ASN A 1 13 ? -3.821  5.574   -0.915  1.00 12.24 ? 465 ASN A CA  1 
ATOM   72  C C   . ASN A 1 13 ? -3.991  4.057   -0.891  1.00 12.48 ? 465 ASN A C   1 
ATOM   73  O O   . ASN A 1 13 ? -5.103  3.577   -0.677  1.00 12.12 ? 465 ASN A O   1 
ATOM   74  C CB  . ASN A 1 13 ? -3.766  6.101   -2.354  1.00 12.46 ? 465 ASN A CB  1 
ATOM   75  C CG  . ASN A 1 13 ? -3.967  7.599   -2.429  1.00 11.97 ? 465 ASN A CG  1 
ATOM   76  O OD1 . ASN A 1 13 ? -4.534  8.205   -1.520  1.00 17.41 ? 465 ASN A OD1 1 
ATOM   77  N ND2 . ASN A 1 13 ? -3.490  8.208   -3.510  1.00 13.93 ? 465 ASN A ND2 1 
ATOM   78  N N   . ILE A 1 14 ? -2.913  3.299   -1.096  1.00 12.00 ? 466 ILE A N   1 
ATOM   79  C CA  . ILE A 1 14 ? -3.018  1.831   -1.038  1.00 13.05 ? 466 ILE A CA  1 
ATOM   80  C C   . ILE A 1 14 ? -3.428  1.392   0.369   1.00 12.22 ? 466 ILE A C   1 
ATOM   81  O O   . ILE A 1 14 ? -4.230  0.470   0.535   1.00 12.29 ? 466 ILE A O   1 
ATOM   82  C CB  . ILE A 1 14 ? -1.713  1.104   -1.473  1.00 12.35 ? 466 ILE A CB  1 
ATOM   83  C CG1 . ILE A 1 14 ? -1.381  1.423   -2.933  1.00 12.84 ? 466 ILE A CG1 1 
ATOM   84  C CG2 . ILE A 1 14 ? -1.861  -0.419  -1.313  1.00 14.39 ? 466 ILE A CG2 1 
ATOM   85  C CD1 . ILE A 1 14 ? 0.007   0.962   -3.382  1.00 16.84 ? 466 ILE A CD1 1 
ATOM   86  N N   . THR A 1 15 ? -2.890  2.058   1.383   1.00 13.12 ? 467 THR A N   1 
ATOM   87  C CA  . THR A 1 15 ? -3.257  1.770   2.773   1.00 12.54 ? 467 THR A CA  1 
ATOM   88  C C   . THR A 1 15 ? -4.771  1.954   2.996   1.00 12.19 ? 467 THR A C   1 
ATOM   89  O O   . THR A 1 15 ? -5.425  1.107   3.621   1.00 14.02 ? 467 THR A O   1 
ATOM   90  C CB  . THR A 1 15 ? -2.430  2.645   3.745   1.00 13.62 ? 467 THR A CB  1 
ATOM   91  O OG1 . THR A 1 15 ? -1.028  2.396   3.539   1.00 15.70 ? 467 THR A OG1 1 
ATOM   92  C CG2 . THR A 1 15 ? -2.772  2.330   5.192   1.00 14.69 ? 467 THR A CG2 1 
ATOM   93  N N   . SER A 1 16 ? -5.329  3.042   2.472   1.00 14.17 ? 468 SER A N   1 
ATOM   94  C CA  . SER A 1 16 ? -6.776  3.283   2.552   1.00 12.16 ? 468 SER A CA  1 
ATOM   95  C C   . SER A 1 16 ? -7.582  2.230   1.791   1.00 12.62 ? 468 SER A C   1 
ATOM   96  O O   . SER A 1 16 ? -8.611  1.765   2.281   1.00 14.39 ? 468 SER A O   1 
ATOM   97  C CB  . SER A 1 16 ? -7.118  4.674   2.013   1.00 14.77 ? 468 SER A CB  1 
ATOM   98  O OG  . SER A 1 16 ? -6.531  5.691   2.804   1.00 21.56 ? 468 SER A OG  1 
ATOM   99  N N   . PHE A 1 17 ? -7.121  1.847   0.601   1.00 11.48 ? 469 PHE A N   1 
ATOM   100 C CA  . PHE A 1 17 ? -7.810  0.812   -0.185  1.00 12.60 ? 469 PHE A CA  1 
ATOM   101 C C   . PHE A 1 17 ? -7.802  -0.552  0.524   1.00 13.00 ? 469 PHE A C   1 
ATOM   102 O O   . PHE A 1 17 ? -8.769  -1.308  0.428   1.00 12.01 ? 469 PHE A O   1 
ATOM   103 C CB  . PHE A 1 17 ? -7.198  0.656   -1.591  1.00 11.81 ? 469 PHE A CB  1 
ATOM   104 C CG  . PHE A 1 17 ? -7.326  1.882   -2.474  1.00 12.85 ? 469 PHE A CG  1 
ATOM   105 C CD1 . PHE A 1 17 ? -6.279  2.255   -3.308  1.00 16.92 ? 469 PHE A CD1 1 
ATOM   106 C CD2 . PHE A 1 17 ? -8.487  2.645   -2.488  1.00 17.12 ? 469 PHE A CD2 1 
ATOM   107 C CE1 . PHE A 1 17 ? -6.381  3.372   -4.131  1.00 19.26 ? 469 PHE A CE1 1 
ATOM   108 C CE2 . PHE A 1 17 ? -8.591  3.763   -3.310  1.00 20.31 ? 469 PHE A CE2 1 
ATOM   109 C CZ  . PHE A 1 17 ? -7.535  4.123   -4.124  1.00 18.67 ? 469 PHE A CZ  1 
ATOM   110 N N   . ILE A 1 18 ? -6.713  -0.881  1.215   1.00 11.71 ? 470 ILE A N   1 
ATOM   111 C CA  . ILE A 1 18 ? -6.655  -2.114  2.011   1.00 12.80 ? 470 ILE A CA  1 
ATOM   112 C C   . ILE A 1 18 ? -7.694  -2.078  3.149   1.00 12.29 ? 470 ILE A C   1 
ATOM   113 O O   . ILE A 1 18 ? -8.374  -3.076  3.406   1.00 13.02 ? 470 ILE A O   1 
ATOM   114 C CB  . ILE A 1 18 ? -5.227  -2.362  2.571   1.00 11.08 ? 470 ILE A CB  1 
ATOM   115 C CG1 . ILE A 1 18 ? -4.274  -2.744  1.433   1.00 13.41 ? 470 ILE A CG1 1 
ATOM   116 C CG2 . ILE A 1 18 ? -5.230  -3.471  3.622   1.00 13.10 ? 470 ILE A CG2 1 
ATOM   117 C CD1 . ILE A 1 18 ? -2.798  -2.604  1.774   1.00 12.15 ? 470 ILE A CD1 1 
ATOM   118 N N   . ARG A 1 19 ? -7.820  -0.934  3.821   1.00 12.82 ? 471 ARG A N   1 
ATOM   119 C CA  . ARG A 1 19 ? -8.795  -0.788  4.913   1.00 14.20 ? 471 ARG A CA  1 
ATOM   120 C C   . ARG A 1 19 ? -10.223 -0.997  4.402   1.00 11.91 ? 471 ARG A C   1 
ATOM   121 O O   . ARG A 1 19 ? -11.033 -1.676  5.040   1.00 14.19 ? 471 ARG A O   1 
ATOM   122 C CB  . ARG A 1 19 ? -8.670  0.595   5.566   1.00 17.44 ? 471 ARG A CB  1 
ATOM   123 C CG  . ARG A 1 19 ? -9.525  0.790   6.819   1.00 22.04 ? 471 ARG A CG  1 
ATOM   124 C CD  . ARG A 1 19 ? -9.345  2.177   7.442   1.00 23.41 ? 471 ARG A CD  1 
ATOM   125 N NE  . ARG A 1 19 ? -7.947  2.618   7.433   1.00 28.89 ? 471 ARG A NE  1 
ATOM   126 C CZ  . ARG A 1 19 ? -7.449  3.612   6.691   1.00 27.49 ? 471 ARG A CZ  1 
ATOM   127 N NH1 . ARG A 1 19 ? -8.224  4.331   5.880   1.00 32.31 ? 471 ARG A NH1 1 
ATOM   128 N NH2 . ARG A 1 19 ? -6.156  3.903   6.777   1.00 31.37 ? 471 ARG A NH2 1 
ATOM   129 N N   . GLN A 1 20 ? -10.522 -0.421  3.245   1.00 12.39 ? 472 GLN A N   1 
ATOM   130 C CA  . GLN A 1 20 ? -11.852 -0.547  2.662   1.00 13.25 ? 472 GLN A CA  1 
ATOM   131 C C   . GLN A 1 20 ? -12.135 -1.976  2.184   1.00 13.17 ? 472 GLN A C   1 
ATOM   132 O O   . GLN A 1 20 ? -13.262 -2.478  2.344   1.00 14.28 ? 472 GLN A O   1 
ATOM   133 C CB  . GLN A 1 20 ? -12.027 0.450   1.519   1.00 13.12 ? 472 GLN A CB  1 
ATOM   134 C CG  . GLN A 1 20 ? -12.123 1.886   1.980   1.00 17.84 ? 472 GLN A CG  1 
ATOM   135 C CD  . GLN A 1 20 ? -12.473 2.811   0.840   1.00 24.17 ? 472 GLN A CD  1 
ATOM   136 O OE1 . GLN A 1 20 ? -13.575 3.364   0.782   1.00 29.05 ? 472 GLN A OE1 1 
ATOM   137 N NE2 . GLN A 1 20 ? -11.544 2.962   -0.090  1.00 20.81 ? 472 GLN A NE2 1 
ATOM   138 N N   . ALA A 1 21 ? -11.125 -2.630  1.605   1.00 13.84 ? 473 ALA A N   1 
ATOM   139 C CA  . ALA A 1 21 ? -11.265 -4.005  1.106   1.00 12.17 ? 473 ALA A CA  1 
ATOM   140 C C   . ALA A 1 21 ? -11.442 -5.010  2.249   1.00 12.23 ? 473 ALA A C   1 
ATOM   141 O O   . ALA A 1 21 ? -12.209 -5.975  2.132   1.00 12.95 ? 473 ALA A O   1 
ATOM   142 C CB  . ALA A 1 21 ? -10.074 -4.395  0.225   1.00 13.21 ? 473 ALA A CB  1 
ATOM   143 N N   . LYS A 1 22 ? -10.739 -4.793  3.357   1.00 11.51 ? 474 LYS A N   1 
ATOM   144 C CA  . LYS A 1 22 ? -10.937 -5.616  4.552   1.00 10.81 ? 474 LYS A CA  1 
ATOM   145 C C   . LYS A 1 22 ? -12.364 -5.441  5.093   1.00 11.14 ? 474 LYS A C   1 
ATOM   146 O O   . LYS A 1 22 ? -13.025 -6.429  5.428   1.00 13.11 ? 474 LYS A O   1 
ATOM   147 C CB  . LYS A 1 22 ? -9.906  -5.302  5.646   1.00 11.73 ? 474 LYS A CB  1 
ATOM   148 C CG  . LYS A 1 22 ? -8.499  -5.890  5.456   1.00 14.36 ? 474 LYS A CG  1 
ATOM   149 C CD  . LYS A 1 22 ? -7.585  -5.407  6.601   1.00 14.96 ? 474 LYS A CD  1 
ATOM   150 C CE  . LYS A 1 22 ? -6.171  -5.969  6.543   1.00 14.63 ? 474 LYS A CE  1 
ATOM   151 N NZ  . LYS A 1 22 ? -5.321  -5.364  7.620   1.00 19.55 ? 474 LYS A NZ  1 
ATOM   152 N N   . ALA A 1 23 ? -12.838 -4.196  5.155   1.00 12.73 ? 475 ALA A N   1 
ATOM   153 C CA  . ALA A 1 23 ? -14.183 -3.892  5.667   1.00 12.76 ? 475 ALA A CA  1 
ATOM   154 C C   . ALA A 1 23 ? -15.293 -4.539  4.836   1.00 12.67 ? 475 ALA A C   1 
ATOM   155 O O   . ALA A 1 23 ? -16.368 -4.848  5.366   1.00 15.23 ? 475 ALA A O   1 
ATOM   156 C CB  . ALA A 1 23 ? -14.408 -2.379  5.745   1.00 13.65 ? 475 ALA A CB  1 
ATOM   157 N N   . ALA A 1 24 ? -15.028 -4.739  3.544   1.00 14.27 ? 476 ALA A N   1 
ATOM   158 C CA  . ALA A 1 24 ? -15.967 -5.400  2.628   1.00 16.07 ? 476 ALA A CA  1 
ATOM   159 C C   . ALA A 1 24 ? -15.705 -6.903  2.476   1.00 16.38 ? 476 ALA A C   1 
ATOM   160 O O   . ALA A 1 24 ? -16.392 -7.574  1.704   1.00 16.94 ? 476 ALA A O   1 
ATOM   161 C CB  . ALA A 1 24 ? -15.919 -4.730  1.260   1.00 16.16 ? 476 ALA A CB  1 
ATOM   162 N N   . GLY A 1 25 ? -14.723 -7.436  3.198   1.00 15.28 ? 477 GLY A N   1 
ATOM   163 C CA  . GLY A 1 25 ? -14.422 -8.869  3.160   1.00 14.97 ? 477 GLY A CA  1 
ATOM   164 C C   . GLY A 1 25 ? -13.932 -9.377  1.815   1.00 15.87 ? 477 GLY A C   1 
ATOM   165 O O   . GLY A 1 25 ? -14.303 -10.472 1.396   1.00 16.20 ? 477 GLY A O   1 
ATOM   166 N N   . ARG A 1 26 ? -13.089 -8.591  1.146   1.00 15.29 ? 478 ARG A N   1 
ATOM   167 C CA  . ARG A 1 26 ? -12.570 -8.949  -0.182  1.00 15.70 ? 478 ARG A CA  1 
ATOM   168 C C   . ARG A 1 26 ? -11.112 -9.412  -0.084  1.00 13.22 ? 478 ARG A C   1 
ATOM   169 O O   . ARG A 1 26 ? -10.186 -8.604  -0.243  1.00 14.40 ? 478 ARG A O   1 
ATOM   170 C CB  . ARG A 1 26 ? -12.691 -7.759  -1.135  1.00 16.80 ? 478 ARG A CB  1 
ATOM   171 N N   . MET A 1 27 ? -10.917 -10.707 0.160   1.00 13.02 ? 479 MET A N   1 
ATOM   172 C CA  . MET A 1 27 ? -9.607  -11.250 0.547   1.00 13.96 ? 479 MET A CA  1 
ATOM   173 C C   . MET A 1 27 ? -8.552  -11.212 -0.568  1.00 14.67 ? 479 MET A C   1 
ATOM   174 O O   . MET A 1 27 ? -7.406  -10.828 -0.315  1.00 13.80 ? 479 MET A O   1 
ATOM   175 C CB  . MET A 1 27 ? -9.744  -12.676 1.113   1.00 13.38 ? 479 MET A CB  1 
ATOM   176 C CG  . MET A 1 27 ? -8.419  -13.324 1.523   1.00 16.02 ? 479 MET A CG  1 
ATOM   177 S SD  . MET A 1 27 ? -8.599  -14.796 2.554   1.00 18.02 ? 479 MET A SD  1 
ATOM   178 C CE  . MET A 1 27 ? -9.026  -14.033 4.125   1.00 19.21 ? 479 MET A CE  1 
ATOM   179 N N   . ASP A 1 28 ? -8.920  -11.614 -1.785  1.00 15.63 ? 480 ASP A N   1 
ATOM   180 C CA  . ASP A 1 28 ? -7.959  -11.611 -2.888  1.00 17.03 ? 480 ASP A CA  1 
ATOM   181 C C   . ASP A 1 28 ? -7.403  -10.206 -3.108  1.00 16.66 ? 480 ASP A C   1 
ATOM   182 O O   . ASP A 1 28 ? -6.188  -10.027 -3.265  1.00 14.83 ? 480 ASP A O   1 
ATOM   183 C CB  . ASP A 1 28 ? -8.592  -12.146 -4.173  1.00 16.24 ? 480 ASP A CB  1 
ATOM   184 N N   . GLU A 1 29 ? -8.297  -9.217  -3.100  1.00 14.46 ? 481 GLU A N   1 
ATOM   185 C CA  . GLU A 1 29 ? -7.929  -7.802  -3.252  1.00 14.33 ? 481 GLU A CA  1 
ATOM   186 C C   . GLU A 1 29 ? -7.013  -7.342  -2.122  1.00 13.13 ? 481 GLU A C   1 
ATOM   187 O O   . GLU A 1 29 ? -6.013  -6.660  -2.355  1.00 13.68 ? 481 GLU A O   1 
ATOM   188 C CB  . GLU A 1 29 ? -9.190  -6.921  -3.296  1.00 15.40 ? 481 GLU A CB  1 
ATOM   189 C CG  . GLU A 1 29 ? -8.912  -5.433  -3.506  1.00 17.72 ? 481 GLU A CG  1 
ATOM   190 C CD  . GLU A 1 29 ? -10.171 -4.577  -3.619  1.00 18.20 ? 481 GLU A CD  1 
ATOM   191 O OE1 . GLU A 1 29 ? -11.295 -5.129  -3.685  1.00 21.55 ? 481 GLU A OE1 1 
ATOM   192 O OE2 . GLU A 1 29 ? -10.037 -3.333  -3.626  1.00 22.42 ? 481 GLU A OE2 1 
ATOM   193 N N   . VAL A 1 30 ? -7.358  -7.701  -0.889  1.00 12.69 ? 482 VAL A N   1 
ATOM   194 C CA  . VAL A 1 30 ? -6.507  -7.360  0.250   1.00 12.41 ? 482 VAL A CA  1 
ATOM   195 C C   . VAL A 1 30 ? -5.084  -7.907  0.063   1.00 12.46 ? 482 VAL A C   1 
ATOM   196 O O   . VAL A 1 30 ? -4.122  -7.166  0.254   1.00 12.01 ? 482 VAL A O   1 
ATOM   197 C CB  . VAL A 1 30 ? -7.098  -7.859  1.592   1.00 10.44 ? 482 VAL A CB  1 
ATOM   198 C CG1 . VAL A 1 30 ? -6.084  -7.720  2.722   1.00 12.79 ? 482 VAL A CG1 1 
ATOM   199 C CG2 . VAL A 1 30 ? -8.394  -7.107  1.930   1.00 14.47 ? 482 VAL A CG2 1 
ATOM   200 N N   . ARG A 1 31 ? -4.938  -9.182  -0.308  1.00 13.69 ? 483 ARG A N   1 
ATOM   201 C CA  . ARG A 1 31 ? -3.597  -9.790  -0.403  1.00 14.36 ? 483 ARG A CA  1 
ATOM   202 C C   . ARG A 1 31 ? -2.739  -9.221  -1.534  1.00 11.93 ? 483 ARG A C   1 
ATOM   203 O O   . ARG A 1 31 ? -1.539  -9.012  -1.344  1.00 13.31 ? 483 ARG A O   1 
ATOM   204 C CB  . ARG A 1 31 ? -3.664  -11.325 -0.519  1.00 12.55 ? 483 ARG A CB  1 
ATOM   205 C CG  . ARG A 1 31 ? -4.340  -12.054 0.654   1.00 14.19 ? 483 ARG A CG  1 
ATOM   206 C CD  . ARG A 1 31 ? -3.867  -11.568 2.039   1.00 13.61 ? 483 ARG A CD  1 
ATOM   207 N NE  . ARG A 1 31 ? -4.469  -12.344 3.126   1.00 13.22 ? 483 ARG A NE  1 
ATOM   208 C CZ  . ARG A 1 31 ? -4.637  -11.901 4.373   1.00 16.25 ? 483 ARG A CZ  1 
ATOM   209 N NH1 . ARG A 1 31 ? -4.277  -10.671 4.725   1.00 18.37 ? 483 ARG A NH1 1 
ATOM   210 N NH2 . ARG A 1 31 ? -5.192  -12.692 5.278   1.00 16.90 ? 483 ARG A NH2 1 
ATOM   211 N N   . THR A 1 32 ? -3.327  -8.962  -2.700  1.00 12.03 ? 484 THR A N   1 
ATOM   212 C CA  . THR A 1 32 ? -2.546  -8.378  -3.790  1.00 11.66 ? 484 THR A CA  1 
ATOM   213 C C   . THR A 1 32 ? -2.152  -6.934  -3.467  1.00 12.05 ? 484 THR A C   1 
ATOM   214 O O   . THR A 1 32 ? -1.003  -6.549  -3.709  1.00 13.08 ? 484 THR A O   1 
ATOM   215 C CB  . THR A 1 32 ? -3.242  -8.453  -5.170  1.00 13.36 ? 484 THR A CB  1 
ATOM   216 O OG1 . THR A 1 32 ? -4.470  -7.723  -5.144  1.00 16.59 ? 484 THR A OG1 1 
ATOM   217 C CG2 . THR A 1 32 ? -3.501  -9.912  -5.557  1.00 17.49 ? 484 THR A CG2 1 
ATOM   218 N N   . LEU A 1 33 ? -3.084  -6.147  -2.917  1.00 12.84 ? 485 LEU A N   1 
ATOM   219 C CA  . LEU A 1 33 ? -2.767  -4.773  -2.481  1.00 12.80 ? 485 LEU A CA  1 
ATOM   220 C C   . LEU A 1 33 ? -1.695  -4.740  -1.378  1.00 12.47 ? 485 LEU A C   1 
ATOM   221 O O   . LEU A 1 33 ? -0.862  -3.831  -1.353  1.00 12.84 ? 485 LEU A O   1 
ATOM   222 C CB  . LEU A 1 33 ? -4.022  -4.013  -2.015  1.00 11.91 ? 485 LEU A CB  1 
ATOM   223 C CG  . LEU A 1 33 ? -5.054  -3.623  -3.074  1.00 11.43 ? 485 LEU A CG  1 
ATOM   224 C CD1 . LEU A 1 33 ? -6.316  -3.057  -2.417  1.00 16.17 ? 485 LEU A CD1 1 
ATOM   225 C CD2 . LEU A 1 33 ? -4.471  -2.621  -4.053  1.00 15.51 ? 485 LEU A CD2 1 
ATOM   226 N N   . GLN A 1 34 ? -1.725  -5.699  -0.455  1.00 11.89 ? 486 GLN A N   1 
ATOM   227 C CA  . GLN A 1 34 ? -0.691  -5.753  0.584   1.00 11.76 ? 486 GLN A CA  1 
ATOM   228 C C   . GLN A 1 34 ? 0.701   -5.970  -0.013  1.00 13.62 ? 486 GLN A C   1 
ATOM   229 O O   . GLN A 1 34 ? 1.679   -5.411  0.486   1.00 12.82 ? 486 GLN A O   1 
ATOM   230 C CB  . GLN A 1 34 ? -1.000  -6.817  1.645   1.00 13.20 ? 486 GLN A CB  1 
ATOM   231 C CG  . GLN A 1 34 ? -2.099  -6.389  2.628   1.00 12.88 ? 486 GLN A CG  1 
ATOM   232 C CD  . GLN A 1 34 ? -2.503  -7.483  3.600   1.00 14.34 ? 486 GLN A CD  1 
ATOM   233 O OE1 . GLN A 1 34 ? -2.569  -8.659  3.241   1.00 14.80 ? 486 GLN A OE1 1 
ATOM   234 N NE2 . GLN A 1 34 ? -2.786  -7.093  4.841   1.00 17.46 ? 486 GLN A NE2 1 
ATOM   235 N N   . GLU A 1 35 ? 0.792   -6.755  -1.086  1.00 12.62 ? 487 GLU A N   1 
ATOM   236 C CA  . GLU A 1 35 ? 2.063   -6.962  -1.781  1.00 13.72 ? 487 GLU A CA  1 
ATOM   237 C C   . GLU A 1 35 ? 2.493   -5.711  -2.564  1.00 12.75 ? 487 GLU A C   1 
ATOM   238 O O   . GLU A 1 35 ? 3.679   -5.377  -2.586  1.00 15.35 ? 487 GLU A O   1 
ATOM   239 C CB  . GLU A 1 35 ? 1.987   -8.208  -2.682  1.00 12.31 ? 487 GLU A CB  1 
ATOM   240 C CG  . GLU A 1 35 ? 3.253   -8.531  -3.491  1.00 15.50 ? 487 GLU A CG  1 
ATOM   241 C CD  . GLU A 1 35 ? 4.470   -8.890  -2.645  1.00 15.90 ? 487 GLU A CD  1 
ATOM   242 O OE1 . GLU A 1 35 ? 4.362   -9.009  -1.405  1.00 15.97 ? 487 GLU A OE1 1 
ATOM   243 O OE2 . GLU A 1 35 ? 5.558   -9.069  -3.241  1.00 16.12 ? 487 GLU A OE2 1 
ATOM   244 N N   . ASN A 1 36 ? 1.543   -5.005  -3.175  1.00 12.30 ? 488 ASN A N   1 
ATOM   245 C CA  . ASN A 1 36 ? 1.838   -3.718  -3.816  1.00 13.73 ? 488 ASN A CA  1 
ATOM   246 C C   . ASN A 1 36 ? 2.412   -2.712  -2.821  1.00 13.44 ? 488 ASN A C   1 
ATOM   247 O O   . ASN A 1 36 ? 3.403   -2.036  -3.108  1.00 12.94 ? 488 ASN A O   1 
ATOM   248 C CB  . ASN A 1 36 ? 0.584   -3.095  -4.448  1.00 12.86 ? 488 ASN A CB  1 
ATOM   249 C CG  . ASN A 1 36 ? 0.034   -3.901  -5.617  1.00 14.90 ? 488 ASN A CG  1 
ATOM   250 O OD1 . ASN A 1 36 ? 0.771   -4.309  -6.528  1.00 20.43 ? 488 ASN A OD1 1 
ATOM   251 N ND2 . ASN A 1 36 ? -1.276  -4.098  -5.618  1.00 13.28 ? 488 ASN A ND2 1 
ATOM   252 N N   . LEU A 1 37 ? 1.760   -2.608  -1.663  1.00 12.71 ? 489 LEU A N   1 
ATOM   253 C CA  . LEU A 1 37 ? 2.202   -1.718  -0.580  1.00 10.76 ? 489 LEU A CA  1 
ATOM   254 C C   . LEU A 1 37 ? 3.612   -2.067  -0.110  1.00 12.25 ? 489 LEU A C   1 
ATOM   255 O O   . LEU A 1 37 ? 4.446   -1.177  0.054   1.00 14.26 ? 489 LEU A O   1 
ATOM   256 C CB  . LEU A 1 37 ? 1.225   -1.788  0.608   1.00 12.40 ? 489 LEU A CB  1 
ATOM   257 C CG  . LEU A 1 37 ? 1.535   -0.919  1.834   1.00 13.92 ? 489 LEU A CG  1 
ATOM   258 C CD1 . LEU A 1 37 ? 1.535   0.552   1.452   1.00 15.51 ? 489 LEU A CD1 1 
ATOM   259 C CD2 . LEU A 1 37 ? 0.545   -1.186  2.965   1.00 16.32 ? 489 LEU A CD2 1 
ATOM   260 N N   . ARG A 1 38 ? 3.870   -3.358  0.110   1.00 12.87 ? 490 ARG A N   1 
ATOM   261 C CA  . ARG A 1 38 ? 5.171   -3.822  0.615   1.00 13.11 ? 490 ARG A CA  1 
ATOM   262 C C   . ARG A 1 38 ? 6.309   -3.404  -0.322  1.00 11.48 ? 490 ARG A C   1 
ATOM   263 O O   . ARG A 1 38 ? 7.350   -2.912  0.125   1.00 13.47 ? 490 ARG A O   1 
ATOM   264 C CB  . ARG A 1 38 ? 5.171   -5.347  0.802   1.00 14.17 ? 490 ARG A CB  1 
ATOM   265 C CG  . ARG A 1 38 ? 6.374   -5.895  1.557   1.00 14.49 ? 490 ARG A CG  1 
ATOM   266 C CD  . ARG A 1 38 ? 6.421   -7.418  1.549   1.00 13.89 ? 490 ARG A CD  1 
ATOM   267 N NE  . ARG A 1 38 ? 6.632   -7.966  0.206   1.00 14.97 ? 490 ARG A NE  1 
ATOM   268 C CZ  . ARG A 1 38 ? 7.808   -8.020  -0.419  1.00 16.61 ? 490 ARG A CZ  1 
ATOM   269 N NH1 . ARG A 1 38 ? 8.913   -7.581  0.167   1.00 16.17 ? 490 ARG A NH1 1 
ATOM   270 N NH2 . ARG A 1 38 ? 7.883   -8.526  -1.643  1.00 17.53 ? 490 ARG A NH2 1 
ATOM   271 N N   . GLN A 1 39 ? 6.095   -3.582  -1.620  1.00 12.45 ? 491 GLN A N   1 
ATOM   272 C CA  . GLN A 1 39 ? 7.085   -3.201  -2.626  1.00 14.06 ? 491 GLN A CA  1 
ATOM   273 C C   . GLN A 1 39 ? 7.321   -1.684  -2.671  1.00 13.39 ? 491 GLN A C   1 
ATOM   274 O O   . GLN A 1 39 ? 8.477   -1.243  -2.728  1.00 13.90 ? 491 GLN A O   1 
ATOM   275 C CB  . GLN A 1 39 ? 6.691   -3.735  -4.008  1.00 14.85 ? 491 GLN A CB  1 
ATOM   276 C CG  . GLN A 1 39 ? 6.710   -5.266  -4.104  1.00 14.46 ? 491 GLN A CG  1 
ATOM   277 C CD  . GLN A 1 39 ? 6.223   -5.775  -5.445  1.00 23.65 ? 491 GLN A CD  1 
ATOM   278 O OE1 . GLN A 1 39 ? 7.017   -6.029  -6.349  1.00 27.53 ? 491 GLN A OE1 1 
ATOM   279 N NE2 . GLN A 1 39 ? 4.909   -5.912  -5.584  1.00 27.97 ? 491 GLN A NE2 1 
ATOM   280 N N   . LEU A 1 40 ? 6.249   -0.884  -2.618  1.00 13.48 ? 492 LEU A N   1 
ATOM   281 C CA  . LEU A 1 40 ? 6.385   0.577   -2.656  1.00 13.10 ? 492 LEU A CA  1 
ATOM   282 C C   . LEU A 1 40 ? 7.024   1.125   -1.383  1.00 12.16 ? 492 LEU A C   1 
ATOM   283 O O   . LEU A 1 40 ? 7.777   2.099   -1.439  1.00 14.91 ? 492 LEU A O   1 
ATOM   284 C CB  . LEU A 1 40 ? 5.037   1.283   -2.890  1.00 14.79 ? 492 LEU A CB  1 
ATOM   285 C CG  . LEU A 1 40 ? 4.443   1.232   -4.300  1.00 21.87 ? 492 LEU A CG  1 
ATOM   286 C CD1 . LEU A 1 40 ? 3.270   2.194   -4.391  1.00 22.19 ? 492 LEU A CD1 1 
ATOM   287 C CD2 . LEU A 1 40 ? 5.480   1.558   -5.373  1.00 25.39 ? 492 LEU A CD2 1 
ATOM   288 N N   . GLN A 1 41 ? 6.728   0.510   -0.239  1.00 13.75 ? 493 GLN A N   1 
ATOM   289 C CA  . GLN A 1 41 ? 7.331   0.944   1.019   1.00 11.69 ? 493 GLN A CA  1 
ATOM   290 C C   . GLN A 1 41 ? 8.843   0.728   1.009   1.00 13.52 ? 493 GLN A C   1 
ATOM   291 O O   . GLN A 1 41 ? 9.582   1.573   1.517   1.00 14.90 ? 493 GLN A O   1 
ATOM   292 C CB  . GLN A 1 41 ? 6.692   0.247   2.225   1.00 14.42 ? 493 GLN A CB  1 
ATOM   293 C CG  . GLN A 1 41 ? 7.152   0.797   3.584   1.00 15.53 ? 493 GLN A CG  1 
ATOM   294 C CD  . GLN A 1 41 ? 6.673   2.222   3.831   1.00 20.72 ? 493 GLN A CD  1 
ATOM   295 O OE1 . GLN A 1 41 ? 5.468   2.489   3.860   1.00 18.57 ? 493 GLN A OE1 1 
ATOM   296 N NE2 . GLN A 1 41 ? 7.615   3.145   4.006   1.00 20.04 ? 493 GLN A NE2 1 
ATOM   297 N N   . ASP A 1 42 ? 9.309   -0.374  0.427   1.00 15.24 ? 494 ASP A N   1 
ATOM   298 C CA  . ASP A 1 42 ? 10.754  -0.602  0.330   1.00 14.93 ? 494 ASP A CA  1 
ATOM   299 C C   . ASP A 1 42 ? 11.409  0.433   -0.585  1.00 16.45 ? 494 ASP A C   1 
ATOM   300 O O   . ASP A 1 42 ? 12.492  0.945   -0.280  1.00 15.65 ? 494 ASP A O   1 
ATOM   301 C CB  . ASP A 1 42 ? 11.092  -2.011  -0.163  1.00 13.84 ? 494 ASP A CB  1 
ATOM   302 C CG  . ASP A 1 42 ? 12.582  -2.310  -0.074  1.00 13.05 ? 494 ASP A CG  1 
ATOM   303 O OD1 . ASP A 1 42 ? 13.240  -2.401  -1.137  1.00 16.10 ? 494 ASP A OD1 1 
ATOM   304 O OD2 . ASP A 1 42 ? 13.087  -2.415  1.065   1.00 14.29 ? 494 ASP A OD2 1 
ATOM   305 N N   . GLU A 1 43 ? 10.756  0.754   -1.700  1.00 13.56 ? 495 GLU A N   1 
ATOM   306 C CA  . GLU A 1 43 ? 11.267  1.794   -2.592  1.00 14.69 ? 495 GLU A CA  1 
ATOM   307 C C   . GLU A 1 43 ? 11.379  3.144   -1.876  1.00 16.47 ? 495 GLU A C   1 
ATOM   308 O O   . GLU A 1 43 ? 12.387  3.851   -2.024  1.00 16.96 ? 495 GLU A O   1 
ATOM   309 C CB  . GLU A 1 43 ? 10.403  1.941   -3.848  1.00 13.66 ? 495 GLU A CB  1 
ATOM   310 C CG  . GLU A 1 43 ? 10.912  3.065   -4.756  1.00 16.69 ? 495 GLU A CG  1 
ATOM   311 C CD  . GLU A 1 43 ? 10.177  3.188   -6.061  1.00 16.69 ? 495 GLU A CD  1 
ATOM   312 O OE1 . GLU A 1 43 ? 9.272   2.360   -6.340  1.00 16.69 ? 495 GLU A OE1 1 
ATOM   313 O OE2 . GLU A 1 43 ? 10.512  4.134   -6.818  1.00 16.69 ? 495 GLU A OE2 1 
ATOM   314 N N   . TYR A 1 44 ? 10.350  3.505   -1.108  1.00 14.65 ? 496 TYR A N   1 
ATOM   315 C CA  . TYR A 1 44 ? 10.357  4.762   -0.347  1.00 15.61 ? 496 TYR A CA  1 
ATOM   316 C C   . TYR A 1 44 ? 11.483  4.770   0.693   1.00 17.79 ? 496 TYR A C   1 
ATOM   317 O O   . TYR A 1 44 ? 12.228  5.754   0.803   1.00 17.31 ? 496 TYR A O   1 
ATOM   318 C CB  . TYR A 1 44 ? 8.992   4.992   0.331   1.00 14.00 ? 496 TYR A CB  1 
ATOM   319 C CG  . TYR A 1 44 ? 8.903   6.252   1.181   1.00 16.94 ? 496 TYR A CG  1 
ATOM   320 C CD1 . TYR A 1 44 ? 8.602   7.486   0.610   1.00 17.25 ? 496 TYR A CD1 1 
ATOM   321 C CD2 . TYR A 1 44 ? 9.106   6.199   2.558   1.00 21.78 ? 496 TYR A CD2 1 
ATOM   322 C CE1 . TYR A 1 44 ? 8.511   8.640   1.391   1.00 19.55 ? 496 TYR A CE1 1 
ATOM   323 C CE2 . TYR A 1 44 ? 9.018   7.348   3.345   1.00 24.50 ? 496 TYR A CE2 1 
ATOM   324 C CZ  . TYR A 1 44 ? 8.719   8.563   2.754   1.00 25.40 ? 496 TYR A CZ  1 
ATOM   325 O OH  . TYR A 1 44 ? 8.634   9.702   3.527   1.00 28.81 ? 496 TYR A OH  1 
ATOM   326 N N   . ASP A 1 45 ? 11.610  3.677   1.447   1.00 17.08 ? 497 ASP A N   1 
ATOM   327 C CA  . ASP A 1 45 ? 12.628  3.574   2.500   1.00 18.66 ? 497 ASP A CA  1 
ATOM   328 C C   . ASP A 1 45 ? 14.047  3.642   1.925   1.00 19.17 ? 497 ASP A C   1 
ATOM   329 O O   . ASP A 1 45 ? 14.913  4.319   2.488   1.00 19.77 ? 497 ASP A O   1 
ATOM   330 C CB  . ASP A 1 45 ? 12.453  2.288   3.324   1.00 17.31 ? 497 ASP A CB  1 
ATOM   331 C CG  . ASP A 1 45 ? 11.229  2.323   4.237   1.00 18.40 ? 497 ASP A CG  1 
ATOM   332 O OD1 . ASP A 1 45 ? 10.608  3.392   4.395   1.00 21.92 ? 497 ASP A OD1 1 
ATOM   333 O OD2 . ASP A 1 45 ? 10.907  1.264   4.815   1.00 29.49 ? 497 ASP A OD2 1 
ATOM   334 N N   . GLN A 1 46 ? 14.282  2.949   0.811   1.00 16.98 ? 498 GLN A N   1 
ATOM   335 C CA  . GLN A 1 46 ? 15.610  2.930   0.189   1.00 18.55 ? 498 GLN A CA  1 
ATOM   336 C C   . GLN A 1 46 ? 16.014  4.313   -0.340  1.00 21.48 ? 498 GLN A C   1 
ATOM   337 O O   . GLN A 1 46 ? 17.181  4.706   -0.224  1.00 22.76 ? 498 GLN A O   1 
ATOM   338 C CB  . GLN A 1 46 ? 15.686  1.872   -0.917  1.00 18.89 ? 498 GLN A CB  1 
ATOM   339 C CG  . GLN A 1 46 ? 15.746  0.437   -0.393  1.00 19.23 ? 498 GLN A CG  1 
ATOM   340 C CD  . GLN A 1 46 ? 17.050  0.124   0.330   1.00 22.70 ? 498 GLN A CD  1 
ATOM   341 O OE1 . GLN A 1 46 ? 18.106  0.023   -0.291  1.00 25.58 ? 498 GLN A OE1 1 
ATOM   342 N NE2 . GLN A 1 46 ? 16.977  -0.033  1.649   1.00 18.53 ? 498 GLN A NE2 1 
ATOM   343 N N   . GLN A 1 47 ? 15.056  5.053   -0.895  1.00 20.92 ? 499 GLN A N   1 
ATOM   344 C CA  . GLN A 1 47 ? 15.314  6.412   -1.377  1.00 24.31 ? 499 GLN A CA  1 
ATOM   345 C C   . GLN A 1 47 ? 15.686  7.363   -0.230  1.00 25.85 ? 499 GLN A C   1 
ATOM   346 O O   . GLN A 1 47 ? 16.447  8.309   -0.429  1.00 29.43 ? 499 GLN A O   1 
ATOM   347 C CB  . GLN A 1 47 ? 14.102  6.948   -2.144  1.00 25.86 ? 499 GLN A CB  1 
ATOM   348 N N   . GLN A 1 48 ? 15.149  7.102   0.961   1.00 26.41 ? 500 GLN A N   1 
ATOM   349 C CA  . GLN A 1 48 ? 15.459  7.892   2.158   1.00 30.08 ? 500 GLN A CA  1 
ATOM   350 C C   . GLN A 1 48 ? 16.711  7.371   2.870   1.00 31.64 ? 500 GLN A C   1 
ATOM   351 O O   . GLN A 1 48 ? 17.412  8.134   3.534   1.00 36.41 ? 500 GLN A O   1 
ATOM   352 C CB  . GLN A 1 48 ? 14.276  7.873   3.132   1.00 28.69 ? 500 GLN A CB  1 
ATOM   353 C CG  . GLN A 1 48 ? 12.979  8.454   2.571   1.00 32.94 ? 500 GLN A CG  1 
ATOM   354 C CD  . GLN A 1 48 ? 12.979  9.969   2.516   1.00 34.65 ? 500 GLN A CD  1 
ATOM   355 O OE1 . GLN A 1 48 ? 13.244  10.639  3.514   1.00 42.77 ? 500 GLN A OE1 1 
ATOM   356 N NE2 . GLN A 1 48 ? 12.666  10.521  1.346   1.00 38.49 ? 500 GLN A NE2 1 
ATOM   357 N N   . THR A 1 49 ? 16.980  6.072   2.732   1.00 34.72 ? 501 THR A N   1 
ATOM   358 C CA  . THR A 1 49 ? 18.118  5.426   3.392   1.00 34.54 ? 501 THR A CA  1 
ATOM   359 C C   . THR A 1 49 ? 19.418  5.676   2.635   1.00 34.10 ? 501 THR A C   1 
ATOM   360 O O   . THR A 1 49 ? 19.654  6.772   2.129   1.00 41.33 ? 501 THR A O   1 
ATOM   361 C CB  . THR A 1 49 ? 17.864  3.922   3.519   1.00 33.66 ? 501 THR A CB  1 
HETATM 362 O O   . HOH B 2 .  ? 3.963   -1.789  -5.942  1.00 22.97 ? 1   HOH A O   1 
HETATM 363 O O   . HOH B 2 .  ? -10.505 -1.020  -1.773  1.00 17.66 ? 2   HOH A O   1 
HETATM 364 O O   . HOH B 2 .  ? -10.772 -2.154  7.831   1.00 20.07 ? 3   HOH A O   1 
HETATM 365 O O   . HOH B 2 .  ? -5.784  -2.445  7.169   1.00 21.36 ? 4   HOH A O   1 
HETATM 366 O O   . HOH B 2 .  ? 0.199   -10.352 0.259   1.00 22.25 ? 5   HOH A O   1 
HETATM 367 O O   . HOH B 2 .  ? 2.678   -9.057  0.830   1.00 20.68 ? 6   HOH A O   1 
HETATM 368 O O   . HOH B 2 .  ? -0.323  -10.336 3.054   1.00 19.91 ? 7   HOH A O   1 
HETATM 369 O O   . HOH B 2 .  ? -18.823 -4.262  4.674   1.00 23.87 ? 8   HOH A O   1 
HETATM 370 O O   . HOH B 2 .  ? -3.717  -5.264  -6.317  1.00 17.84 ? 9   HOH A O   1 
HETATM 371 O O   . HOH B 2 .  ? -4.622  -0.401  5.882   1.00 21.68 ? 10  HOH A O   1 
HETATM 372 O O   . HOH B 2 .  ? -15.625 -0.916  2.517   1.00 20.89 ? 11  HOH A O   1 
HETATM 373 O O   . HOH B 2 .  ? 0.385   -7.669  -6.008  1.00 20.90 ? 12  HOH A O   1 
HETATM 374 O O   . HOH B 2 .  ? 11.321  -2.803  3.099   1.00 22.72 ? 13  HOH A O   1 
HETATM 375 O O   . HOH B 2 .  ? -2.090  -4.202  5.589   1.00 23.05 ? 14  HOH A O   1 
HETATM 376 O O   . HOH B 2 .  ? 9.518   -6.354  2.872   1.00 31.00 ? 15  HOH A O   1 
HETATM 377 O O   . HOH B 2 .  ? -11.148 -9.983  -3.691  1.00 26.44 ? 16  HOH A O   1 
HETATM 378 O O   . HOH B 2 .  ? 8.585   -3.159  2.657   1.00 21.79 ? 17  HOH A O   1 
HETATM 379 O O   . HOH B 2 .  ? -2.216  -1.514  5.336   1.00 28.61 ? 18  HOH A O   1 
HETATM 380 O O   . HOH B 2 .  ? -15.350 1.192   4.327   1.00 23.64 ? 19  HOH A O   1 
HETATM 381 O O   . HOH B 2 .  ? 0.958   2.011   5.334   1.00 21.66 ? 20  HOH A O   1 
HETATM 382 O O   . HOH B 2 .  ? 14.314  -0.563  2.785   1.00 27.02 ? 21  HOH A O   1 
HETATM 383 O O   . HOH B 2 .  ? -3.476  -6.484  -8.744  1.00 25.42 ? 22  HOH A O   1 
HETATM 384 O O   . HOH B 2 .  ? 2.739   9.705   6.644   1.00 28.33 ? 23  HOH A O   1 
HETATM 385 O O   . HOH B 2 .  ? 3.391   0.812   4.682   1.00 28.37 ? 24  HOH A O   1 
HETATM 386 O O   . HOH B 2 .  ? -12.968 1.505   5.533   1.00 27.15 ? 25  HOH A O   1 
HETATM 387 O O   . HOH B 2 .  ? 2.934   -7.856  3.307   1.00 30.24 ? 26  HOH A O   1 
HETATM 388 O O   . HOH B 2 .  ? 0.433   -5.035  -9.711  1.00 33.38 ? 27  HOH A O   1 
HETATM 389 O O   . HOH B 2 .  ? -11.713 1.396   -2.138  1.00 28.42 ? 28  HOH A O   1 
HETATM 390 O O   . HOH B 2 .  ? 6.344   -6.616  -9.158  1.00 31.66 ? 29  HOH A O   1 
HETATM 391 O O   . HOH B 2 .  ? 2.099   13.408  4.373   1.00 30.17 ? 32  HOH A O   1 
HETATM 392 O O   . HOH B 2 .  ? -11.523 -13.028 -2.404  1.00 30.89 ? 33  HOH A O   1 
HETATM 393 O O   . HOH B 2 .  ? 2.152   -4.765  3.156   1.00 24.74 ? 34  HOH A O   1 
HETATM 394 O O   . HOH B 2 .  ? -5.849  8.170   1.361   1.00 25.06 ? 35  HOH A O   1 
HETATM 395 O O   . HOH B 2 .  ? -4.167  6.026   4.674   1.00 28.39 ? 36  HOH A O   1 
HETATM 396 O O   . HOH B 2 .  ? -6.378  -8.850  -6.865  1.00 29.49 ? 37  HOH A O   1 
HETATM 397 O O   . HOH B 2 .  ? -8.164  -2.161  8.409   1.00 24.89 ? 38  HOH A O   1 
HETATM 398 O O   . HOH B 2 .  ? -18.068 -1.941  3.350   1.00 31.12 ? 39  HOH A O   1 
HETATM 399 O O   . HOH B 2 .  ? -0.675  -6.937  -8.434  1.00 34.91 ? 40  HOH A O   1 
HETATM 400 O O   . HOH B 2 .  ? -2.050  6.081   6.176   1.00 30.24 ? 41  HOH A O   1 
HETATM 401 O O   . HOH B 2 .  ? -0.077  -0.278  6.841   1.00 33.80 ? 42  HOH A O   1 
HETATM 402 O O   . HOH B 2 .  ? -13.293 -1.903  -1.290  1.00 28.43 ? 43  HOH A O   1 
HETATM 403 O O   . HOH B 2 .  ? -8.605  -7.191  -7.342  1.00 32.51 ? 44  HOH A O   1 
HETATM 404 O O   . HOH B 2 .  ? -4.539  -12.683 -3.944  1.00 29.42 ? 45  HOH A O   1 
HETATM 405 O O   . HOH B 2 .  ? 0.450   -4.900  5.224   1.00 38.19 ? 46  HOH A O   1 
HETATM 406 O O   . HOH B 2 .  ? 3.478   -4.068  -7.205  1.00 28.83 ? 47  HOH A O   1 
HETATM 407 O O   . HOH B 2 .  ? -3.334  10.785  -4.558  1.00 34.90 ? 50  HOH A O   1 
HETATM 408 O O   . HOH B 2 .  ? -5.654  -14.550 -2.300  1.00 34.87 ? 51  HOH A O   1 
HETATM 409 O O   . HOH B 2 .  ? 6.733   -3.435  4.576   1.00 33.87 ? 52  HOH A O   1 
HETATM 410 O O   . HOH B 2 .  ? 2.456   13.134  0.354   1.00 32.33 ? 53  HOH A O   1 
HETATM 411 O O   . HOH B 2 .  ? 2.869   -7.080  -6.898  1.00 30.01 ? 54  HOH A O   1 
HETATM 412 O O   . HOH B 2 .  ? 0.376   5.117   5.489   1.00 32.81 ? 56  HOH A O   1 
HETATM 413 O O   . HOH B 2 .  ? -11.852 3.956   5.337   1.00 36.63 ? 57  HOH A O   1 
HETATM 414 O O   . HOH B 2 .  ? 2.930   -3.547  -9.949  1.00 49.54 ? 58  HOH A O   1 
HETATM 415 O O   . HOH B 2 .  ? 6.093   5.416   -7.961  1.00 39.24 ? 59  HOH A O   1 
HETATM 416 O O   . HOH B 2 .  ? 6.848   5.778   6.165   1.00 33.15 ? 60  HOH A O   1 
HETATM 417 O O   . HOH B 2 .  ? 7.957   12.105  1.997   1.00 34.31 ? 61  HOH A O   1 
HETATM 418 O O   . HOH B 2 .  ? 7.364   9.505   6.036   1.00 36.76 ? 62  HOH A O   1 
HETATM 419 O O   . HOH B 2 .  ? 4.260   -2.433  3.857   1.00 38.72 ? 63  HOH A O   1 
HETATM 420 O O   . HOH B 2 .  ? -15.550 3.657   3.147   1.00 34.77 ? 65  HOH A O   1 
HETATM 421 O O   . HOH B 2 .  ? -13.561 -3.793  -3.039  1.00 49.69 ? 66  HOH A O   1 
HETATM 422 O O   . HOH B 2 .  ? 3.617   2.135   -8.658  1.00 30.44 ? 67  HOH A O   1 
HETATM 423 O O   . HOH B 2 .  ? 13.598  -0.487  5.336   1.00 35.54 ? 68  HOH A O   1 
HETATM 424 O O   . HOH B 2 .  ? 9.702   13.062  -5.007  1.00 37.74 ? 69  HOH A O   1 
HETATM 425 O O   . HOH B 2 .  ? 5.861   0.753   -9.211  1.00 33.98 ? 70  HOH A O   1 
HETATM 426 O O   . HOH B 2 .  ? -2.699  -9.212  7.023   1.00 32.71 ? 72  HOH A O   1 
HETATM 427 O O   . HOH B 2 .  ? -15.474 -0.201  -0.123  1.00 35.26 ? 74  HOH A O   1 
HETATM 428 O O   . HOH B 2 .  ? -2.752  -6.262  8.089   1.00 31.74 ? 75  HOH A O   1 
HETATM 429 O O   . HOH B 2 .  ? -15.701 -11.340 -1.666  1.00 33.32 ? 77  HOH A O   1 
HETATM 430 O O   . HOH B 2 .  ? 20.678  -0.446  0.412   1.00 35.27 ? 78  HOH A O   1 
HETATM 431 O O   . HOH B 2 .  ? 9.092   3.180   6.717   1.00 34.27 ? 80  HOH A O   1 
HETATM 432 O O   . HOH B 2 .  ? 6.450   -1.669  -7.263  1.00 38.54 ? 81  HOH A O   1 
HETATM 433 O O   . HOH B 2 .  ? 1.387   10.569  -6.304  1.00 32.43 ? 83  HOH A O   1 
HETATM 434 O O   . HOH B 2 .  ? -4.789  -8.806  -9.240  1.00 35.16 ? 87  HOH A O   1 
HETATM 435 O O   . HOH B 2 .  ? 9.069   15.501  -1.056  1.00 36.09 ? 91  HOH A O   1 
HETATM 436 O O   . HOH B 2 .  ? 10.284  -3.130  -3.984  1.00 35.90 ? 92  HOH A O   1 
HETATM 437 O O   . HOH B 2 .  ? 3.405   9.529   -7.710  1.00 36.36 ? 93  HOH A O   1 
HETATM 438 O O   . HOH B 2 .  ? 1.089   8.311   -8.952  1.00 41.11 ? 94  HOH A O   1 
HETATM 439 O O   . HOH B 2 .  ? 3.713   14.528  2.593   1.00 34.04 ? 96  HOH A O   1 
HETATM 440 O O   . HOH B 2 .  ? 2.033   6.520   -10.723 1.00 38.28 ? 97  HOH A O   1 
HETATM 441 O O   . HOH B 2 .  ? -0.518  -11.460 -2.776  1.00 33.69 ? 98  HOH A O   1 
HETATM 442 O O   . HOH B 2 .  ? 9.318   -2.358  6.457   1.00 38.69 ? 100 HOH A O   1 
HETATM 443 O O   . HOH B 2 .  ? 12.700  -1.927  -3.634  1.00 39.69 ? 103 HOH A O   1 
HETATM 444 O O   . HOH B 2 .  ? 6.323   14.078  2.859   1.00 39.69 ? 104 HOH A O   1 
HETATM 445 O O   . HOH B 2 .  ? 14.278  3.451   -4.149  1.00 41.69 ? 107 HOH A O   1 
# 
loop_
_pdbx_poly_seq_scheme.asym_id 
_pdbx_poly_seq_scheme.entity_id 
_pdbx_poly_seq_scheme.seq_id 
_pdbx_poly_seq_scheme.mon_id 
_pdbx_poly_seq_scheme.ndb_seq_num 
_pdbx_poly_seq_scheme.pdb_seq_num 
_pdbx_poly_seq_scheme.auth_seq_num 
_pdbx_poly_seq_scheme.pdb_mon_id 
_pdbx_poly_seq_scheme.auth_mon_id 
_pdbx_poly_seq_scheme.pdb_strand_id 
_pdbx_poly_seq_scheme.pdb_ins_code 
_pdbx_poly_seq_scheme.hetero 
A 1 1  GLY 1  453 ?   ?   ?   A . n 
A 1 2  PRO 2  454 ?   ?   ?   A . n 
A 1 3  LEU 3  455 ?   ?   ?   A . n 
A 1 4  GLY 4  456 456 GLY GLY A . n 
A 1 5  SER 5  457 457 SER SER A . n 
A 1 6  PRO 6  458 458 PRO PRO A . n 
A 1 7  LEU 7  459 459 LEU LEU A . n 
A 1 8  LEU 8  460 460 LEU LEU A . n 
A 1 9  GLN 9  461 461 GLN GLN A . n 
A 1 10 GLN 10 462 462 GLN GLN A . n 
A 1 11 ILE 11 463 463 ILE ILE A . n 
A 1 12 HIS 12 464 464 HIS HIS A . n 
A 1 13 ASN 13 465 465 ASN ASN A . n 
A 1 14 ILE 14 466 466 ILE ILE A . n 
A 1 15 THR 15 467 467 THR THR A . n 
A 1 16 SER 16 468 468 SER SER A . n 
A 1 17 PHE 17 469 469 PHE PHE A . n 
A 1 18 ILE 18 470 470 ILE ILE A . n 
A 1 19 ARG 19 471 471 ARG ARG A . n 
A 1 20 GLN 20 472 472 GLN GLN A . n 
A 1 21 ALA 21 473 473 ALA ALA A . n 
A 1 22 LYS 22 474 474 LYS LYS A . n 
A 1 23 ALA 23 475 475 ALA ALA A . n 
A 1 24 ALA 24 476 476 ALA ALA A . n 
A 1 25 GLY 25 477 477 GLY GLY A . n 
A 1 26 ARG 26 478 478 ARG ALA A . n 
A 1 27 MET 27 479 479 MET MET A . n 
A 1 28 ASP 28 480 480 ASP ALA A . n 
A 1 29 GLU 29 481 481 GLU GLU A . n 
A 1 30 VAL 30 482 482 VAL VAL A . n 
A 1 31 ARG 31 483 483 ARG ARG A . n 
A 1 32 THR 32 484 484 THR THR A . n 
A 1 33 LEU 33 485 485 LEU LEU A . n 
A 1 34 GLN 34 486 486 GLN GLN A . n 
A 1 35 GLU 35 487 487 GLU GLU A . n 
A 1 36 ASN 36 488 488 ASN ASN A . n 
A 1 37 LEU 37 489 489 LEU LEU A . n 
A 1 38 ARG 38 490 490 ARG ARG A . n 
A 1 39 GLN 39 491 491 GLN GLN A . n 
A 1 40 LEU 40 492 492 LEU LEU A . n 
A 1 41 GLN 41 493 493 GLN GLN A . n 
A 1 42 ASP 42 494 494 ASP ASP A . n 
A 1 43 GLU 43 495 495 GLU GLU A . n 
A 1 44 TYR 44 496 496 TYR TYR A . n 
A 1 45 ASP 45 497 497 ASP ASP A . n 
A 1 46 GLN 46 498 498 GLN GLN A . n 
A 1 47 GLN 47 499 499 GLN ALA A . n 
A 1 48 GLN 48 500 500 GLN GLN A . n 
A 1 49 THR 49 501 501 THR ALA A . n 
A 1 50 GLU 50 502 ?   ?   ?   A . n 
A 1 51 LYS 51 503 ?   ?   ?   A . n 
# 
loop_
_pdbx_nonpoly_scheme.asym_id 
_pdbx_nonpoly_scheme.entity_id 
_pdbx_nonpoly_scheme.mon_id 
_pdbx_nonpoly_scheme.ndb_seq_num 
_pdbx_nonpoly_scheme.pdb_seq_num 
_pdbx_nonpoly_scheme.auth_seq_num 
_pdbx_nonpoly_scheme.pdb_mon_id 
_pdbx_nonpoly_scheme.auth_mon_id 
_pdbx_nonpoly_scheme.pdb_strand_id 
_pdbx_nonpoly_scheme.pdb_ins_code 
B 2 HOH 1  1   1   HOH HOH A . 
B 2 HOH 2  2   2   HOH HOH A . 
B 2 HOH 3  3   3   HOH HOH A . 
B 2 HOH 4  4   4   HOH HOH A . 
B 2 HOH 5  5   5   HOH HOH A . 
B 2 HOH 6  6   6   HOH HOH A . 
B 2 HOH 7  7   7   HOH HOH A . 
B 2 HOH 8  8   8   HOH HOH A . 
B 2 HOH 9  9   9   HOH HOH A . 
B 2 HOH 10 10  10  HOH HOH A . 
B 2 HOH 11 11  11  HOH HOH A . 
B 2 HOH 12 12  12  HOH HOH A . 
B 2 HOH 13 13  13  HOH HOH A . 
B 2 HOH 14 14  14  HOH HOH A . 
B 2 HOH 15 15  15  HOH HOH A . 
B 2 HOH 16 16  16  HOH HOH A . 
B 2 HOH 17 17  17  HOH HOH A . 
B 2 HOH 18 18  18  HOH HOH A . 
B 2 HOH 19 19  19  HOH HOH A . 
B 2 HOH 20 20  20  HOH HOH A . 
B 2 HOH 21 21  21  HOH HOH A . 
B 2 HOH 22 22  22  HOH HOH A . 
B 2 HOH 23 23  23  HOH HOH A . 
B 2 HOH 24 24  24  HOH HOH A . 
B 2 HOH 25 25  25  HOH HOH A . 
B 2 HOH 26 26  26  HOH HOH A . 
B 2 HOH 27 27  27  HOH HOH A . 
B 2 HOH 28 28  28  HOH HOH A . 
B 2 HOH 29 29  29  HOH HOH A . 
B 2 HOH 30 32  32  HOH HOH A . 
B 2 HOH 31 33  33  HOH HOH A . 
B 2 HOH 32 34  34  HOH HOH A . 
B 2 HOH 33 35  35  HOH HOH A . 
B 2 HOH 34 36  36  HOH HOH A . 
B 2 HOH 35 37  37  HOH HOH A . 
B 2 HOH 36 38  38  HOH HOH A . 
B 2 HOH 37 39  39  HOH HOH A . 
B 2 HOH 38 40  40  HOH HOH A . 
B 2 HOH 39 41  41  HOH HOH A . 
B 2 HOH 40 42  42  HOH HOH A . 
B 2 HOH 41 43  43  HOH HOH A . 
B 2 HOH 42 44  44  HOH HOH A . 
B 2 HOH 43 45  45  HOH HOH A . 
B 2 HOH 44 46  46  HOH HOH A . 
B 2 HOH 45 47  47  HOH HOH A . 
B 2 HOH 46 50  50  HOH HOH A . 
B 2 HOH 47 51  51  HOH HOH A . 
B 2 HOH 48 52  52  HOH HOH A . 
B 2 HOH 49 53  53  HOH HOH A . 
B 2 HOH 50 54  54  HOH HOH A . 
B 2 HOH 51 56  56  HOH HOH A . 
B 2 HOH 52 57  57  HOH HOH A . 
B 2 HOH 53 58  58  HOH HOH A . 
B 2 HOH 54 59  59  HOH HOH A . 
B 2 HOH 55 60  60  HOH HOH A . 
B 2 HOH 56 61  61  HOH HOH A . 
B 2 HOH 57 62  62  HOH HOH A . 
B 2 HOH 58 63  63  HOH HOH A . 
B 2 HOH 59 65  65  HOH HOH A . 
B 2 HOH 60 66  66  HOH HOH A . 
B 2 HOH 61 67  67  HOH HOH A . 
B 2 HOH 62 68  68  HOH HOH A . 
B 2 HOH 63 69  69  HOH HOH A . 
B 2 HOH 64 70  70  HOH HOH A . 
B 2 HOH 65 72  72  HOH HOH A . 
B 2 HOH 66 74  74  HOH HOH A . 
B 2 HOH 67 75  75  HOH HOH A . 
B 2 HOH 68 77  77  HOH HOH A . 
B 2 HOH 69 78  78  HOH HOH A . 
B 2 HOH 70 80  80  HOH HOH A . 
B 2 HOH 71 81  81  HOH HOH A . 
B 2 HOH 72 83  83  HOH HOH A . 
B 2 HOH 73 87  87  HOH HOH A . 
B 2 HOH 74 91  91  HOH HOH A . 
B 2 HOH 75 92  92  HOH HOH A . 
B 2 HOH 76 93  93  HOH HOH A . 
B 2 HOH 77 94  94  HOH HOH A . 
B 2 HOH 78 96  96  HOH HOH A . 
B 2 HOH 79 97  97  HOH HOH A . 
B 2 HOH 80 98  98  HOH HOH A . 
B 2 HOH 81 100 100 HOH HOH A . 
B 2 HOH 82 103 103 HOH HOH A . 
B 2 HOH 83 104 104 HOH HOH A . 
B 2 HOH 84 107 107 HOH HOH A . 
# 
_pdbx_struct_assembly.id                   1 
_pdbx_struct_assembly.details              author_defined_assembly 
_pdbx_struct_assembly.method_details       ? 
_pdbx_struct_assembly.oligomeric_details   monomeric 
_pdbx_struct_assembly.oligomeric_count     1 
# 
_pdbx_struct_assembly_gen.assembly_id       1 
_pdbx_struct_assembly_gen.oper_expression   1 
_pdbx_struct_assembly_gen.asym_id_list      A,B 
# 
_pdbx_struct_oper_list.id                   1 
_pdbx_struct_oper_list.type                 'identity operation' 
_pdbx_struct_oper_list.name                 1_555 
_pdbx_struct_oper_list.symmetry_operation   x,y,z 
_pdbx_struct_oper_list.matrix[1][1]         1.0000000000 
_pdbx_struct_oper_list.matrix[1][2]         0.0000000000 
_pdbx_struct_oper_list.matrix[1][3]         0.0000000000 
_pdbx_struct_oper_list.vector[1]            0.0000000000 
_pdbx_struct_oper_list.matrix[2][1]         0.0000000000 
_pdbx_struct_oper_list.matrix[2][2]         1.0000000000 
_pdbx_struct_oper_list.matrix[2][3]         0.0000000000 
_pdbx_struct_oper_list.vector[2]            0.0000000000 
_pdbx_struct_oper_list.matrix[3][1]         0.0000000000 
_pdbx_struct_oper_list.matrix[3][2]         0.0000000000 
_pdbx_struct_oper_list.matrix[3][3]         1.0000000000 
_pdbx_struct_oper_list.vector[3]            0.0000000000 
# 
loop_
_pdbx_audit_revision_history.ordinal 
_pdbx_audit_revision_history.data_content_type 
_pdbx_audit_revision_history.major_revision 
_pdbx_audit_revision_history.minor_revision 
_pdbx_audit_revision_history.revision_date 
1 'Structure model' 1 0 2005-07-26 
2 'Structure model' 1 1 2008-04-30 
3 'Structure model' 1 2 2011-07-13 
4 'Structure model' 1 3 2018-01-31 
5 'Structure model' 1 4 2023-08-23 
# 
_pdbx_audit_revision_details.ordinal             1 
_pdbx_audit_revision_details.revision_ordinal    1 
_pdbx_audit_revision_details.data_content_type   'Structure model' 
_pdbx_audit_revision_details.provider            repository 
_pdbx_audit_revision_details.type                'Initial release' 
_pdbx_audit_revision_details.description         ? 
_pdbx_audit_revision_details.details             ? 
# 
loop_
_pdbx_audit_revision_group.ordinal 
_pdbx_audit_revision_group.revision_ordinal 
_pdbx_audit_revision_group.data_content_type 
_pdbx_audit_revision_group.group 
1 2 'Structure model' 'Version format compliance' 
2 3 'Structure model' 'Version format compliance' 
3 4 'Structure model' 'Experimental preparation'  
4 5 'Structure model' 'Data collection'           
5 5 'Structure model' 'Database references'       
6 5 'Structure model' 'Refinement description'    
# 
loop_
_pdbx_audit_revision_category.ordinal 
_pdbx_audit_revision_category.revision_ordinal 
_pdbx_audit_revision_category.data_content_type 
_pdbx_audit_revision_category.category 
1 4 'Structure model' exptl_crystal_grow            
2 5 'Structure model' chem_comp_atom                
3 5 'Structure model' chem_comp_bond                
4 5 'Structure model' database_2                    
5 5 'Structure model' pdbx_initial_refinement_model 
6 5 'Structure model' struct_ref_seq_dif            
# 
loop_
_pdbx_audit_revision_item.ordinal 
_pdbx_audit_revision_item.revision_ordinal 
_pdbx_audit_revision_item.data_content_type 
_pdbx_audit_revision_item.item 
1 4 'Structure model' '_exptl_crystal_grow.temp'            
2 5 'Structure model' '_database_2.pdbx_DOI'                
3 5 'Structure model' '_database_2.pdbx_database_accession' 
4 5 'Structure model' '_struct_ref_seq_dif.details'         
# 
loop_
_software.name 
_software.classification 
_software.version 
_software.citation_id 
_software.pdbx_ordinal 
REFMAC    refinement       5.2.0005 ? 1 
DENZO     'data reduction' .        ? 2 
SCALEPACK 'data scaling'   .        ? 3 
AMoRE     phasing          .        ? 4 
# 
loop_
_pdbx_unobs_or_zero_occ_atoms.id 
_pdbx_unobs_or_zero_occ_atoms.PDB_model_num 
_pdbx_unobs_or_zero_occ_atoms.polymer_flag 
_pdbx_unobs_or_zero_occ_atoms.occupancy_flag 
_pdbx_unobs_or_zero_occ_atoms.auth_asym_id 
_pdbx_unobs_or_zero_occ_atoms.auth_comp_id 
_pdbx_unobs_or_zero_occ_atoms.auth_seq_id 
_pdbx_unobs_or_zero_occ_atoms.PDB_ins_code 
_pdbx_unobs_or_zero_occ_atoms.auth_atom_id 
_pdbx_unobs_or_zero_occ_atoms.label_alt_id 
_pdbx_unobs_or_zero_occ_atoms.label_asym_id 
_pdbx_unobs_or_zero_occ_atoms.label_comp_id 
_pdbx_unobs_or_zero_occ_atoms.label_seq_id 
_pdbx_unobs_or_zero_occ_atoms.label_atom_id 
1  1 Y 1 A ARG 478 ? CG  ? A ARG 26 CG  
2  1 Y 1 A ARG 478 ? CD  ? A ARG 26 CD  
3  1 Y 1 A ARG 478 ? NE  ? A ARG 26 NE  
4  1 Y 1 A ARG 478 ? CZ  ? A ARG 26 CZ  
5  1 Y 1 A ARG 478 ? NH1 ? A ARG 26 NH1 
6  1 Y 1 A ARG 478 ? NH2 ? A ARG 26 NH2 
7  1 Y 1 A ASP 480 ? CG  ? A ASP 28 CG  
8  1 Y 1 A ASP 480 ? OD1 ? A ASP 28 OD1 
9  1 Y 1 A ASP 480 ? OD2 ? A ASP 28 OD2 
10 1 Y 1 A GLN 499 ? CG  ? A GLN 47 CG  
11 1 Y 1 A GLN 499 ? CD  ? A GLN 47 CD  
12 1 Y 1 A GLN 499 ? OE1 ? A GLN 47 OE1 
13 1 Y 1 A GLN 499 ? NE2 ? A GLN 47 NE2 
14 1 Y 1 A THR 501 ? OG1 ? A THR 49 OG1 
15 1 Y 1 A THR 501 ? CG2 ? A THR 49 CG2 
# 
loop_
_pdbx_unobs_or_zero_occ_residues.id 
_pdbx_unobs_or_zero_occ_residues.PDB_model_num 
_pdbx_unobs_or_zero_occ_residues.polymer_flag 
_pdbx_unobs_or_zero_occ_residues.occupancy_flag 
_pdbx_unobs_or_zero_occ_residues.auth_asym_id 
_pdbx_unobs_or_zero_occ_residues.auth_comp_id 
_pdbx_unobs_or_zero_occ_residues.auth_seq_id 
_pdbx_unobs_or_zero_occ_residues.PDB_ins_code 
_pdbx_unobs_or_zero_occ_residues.label_asym_id 
_pdbx_unobs_or_zero_occ_residues.label_comp_id 
_pdbx_unobs_or_zero_occ_residues.label_seq_id 
1 1 Y 1 A GLY 453 ? A GLY 1  
2 1 Y 1 A PRO 454 ? A PRO 2  
3 1 Y 1 A LEU 455 ? A LEU 3  
4 1 Y 1 A GLU 502 ? A GLU 50 
5 1 Y 1 A LYS 503 ? A LYS 51 
# 
loop_
_chem_comp_atom.comp_id 
_chem_comp_atom.atom_id 
_chem_comp_atom.type_symbol 
_chem_comp_atom.pdbx_aromatic_flag 
_chem_comp_atom.pdbx_stereo_config 
_chem_comp_atom.pdbx_ordinal 
ALA N    N N N 1   
ALA CA   C N S 2   
ALA C    C N N 3   
ALA O    O N N 4   
ALA CB   C N N 5   
ALA OXT  O N N 6   
ALA H    H N N 7   
ALA H2   H N N 8   
ALA HA   H N N 9   
ALA HB1  H N N 10  
ALA HB2  H N N 11  
ALA HB3  H N N 12  
ALA HXT  H N N 13  
ARG N    N N N 14  
ARG CA   C N S 15  
ARG C    C N N 16  
ARG O    O N N 17  
ARG CB   C N N 18  
ARG CG   C N N 19  
ARG CD   C N N 20  
ARG NE   N N N 21  
ARG CZ   C N N 22  
ARG NH1  N N N 23  
ARG NH2  N N N 24  
ARG OXT  O N N 25  
ARG H    H N N 26  
ARG H2   H N N 27  
ARG HA   H N N 28  
ARG HB2  H N N 29  
ARG HB3  H N N 30  
ARG HG2  H N N 31  
ARG HG3  H N N 32  
ARG HD2  H N N 33  
ARG HD3  H N N 34  
ARG HE   H N N 35  
ARG HH11 H N N 36  
ARG HH12 H N N 37  
ARG HH21 H N N 38  
ARG HH22 H N N 39  
ARG HXT  H N N 40  
ASN N    N N N 41  
ASN CA   C N S 42  
ASN C    C N N 43  
ASN O    O N N 44  
ASN CB   C N N 45  
ASN CG   C N N 46  
ASN OD1  O N N 47  
ASN ND2  N N N 48  
ASN OXT  O N N 49  
ASN H    H N N 50  
ASN H2   H N N 51  
ASN HA   H N N 52  
ASN HB2  H N N 53  
ASN HB3  H N N 54  
ASN HD21 H N N 55  
ASN HD22 H N N 56  
ASN HXT  H N N 57  
ASP N    N N N 58  
ASP CA   C N S 59  
ASP C    C N N 60  
ASP O    O N N 61  
ASP CB   C N N 62  
ASP CG   C N N 63  
ASP OD1  O N N 64  
ASP OD2  O N N 65  
ASP OXT  O N N 66  
ASP H    H N N 67  
ASP H2   H N N 68  
ASP HA   H N N 69  
ASP HB2  H N N 70  
ASP HB3  H N N 71  
ASP HD2  H N N 72  
ASP HXT  H N N 73  
GLN N    N N N 74  
GLN CA   C N S 75  
GLN C    C N N 76  
GLN O    O N N 77  
GLN CB   C N N 78  
GLN CG   C N N 79  
GLN CD   C N N 80  
GLN OE1  O N N 81  
GLN NE2  N N N 82  
GLN OXT  O N N 83  
GLN H    H N N 84  
GLN H2   H N N 85  
GLN HA   H N N 86  
GLN HB2  H N N 87  
GLN HB3  H N N 88  
GLN HG2  H N N 89  
GLN HG3  H N N 90  
GLN HE21 H N N 91  
GLN HE22 H N N 92  
GLN HXT  H N N 93  
GLU N    N N N 94  
GLU CA   C N S 95  
GLU C    C N N 96  
GLU O    O N N 97  
GLU CB   C N N 98  
GLU CG   C N N 99  
GLU CD   C N N 100 
GLU OE1  O N N 101 
GLU OE2  O N N 102 
GLU OXT  O N N 103 
GLU H    H N N 104 
GLU H2   H N N 105 
GLU HA   H N N 106 
GLU HB2  H N N 107 
GLU HB3  H N N 108 
GLU HG2  H N N 109 
GLU HG3  H N N 110 
GLU HE2  H N N 111 
GLU HXT  H N N 112 
GLY N    N N N 113 
GLY CA   C N N 114 
GLY C    C N N 115 
GLY O    O N N 116 
GLY OXT  O N N 117 
GLY H    H N N 118 
GLY H2   H N N 119 
GLY HA2  H N N 120 
GLY HA3  H N N 121 
GLY HXT  H N N 122 
HIS N    N N N 123 
HIS CA   C N S 124 
HIS C    C N N 125 
HIS O    O N N 126 
HIS CB   C N N 127 
HIS CG   C Y N 128 
HIS ND1  N Y N 129 
HIS CD2  C Y N 130 
HIS CE1  C Y N 131 
HIS NE2  N Y N 132 
HIS OXT  O N N 133 
HIS H    H N N 134 
HIS H2   H N N 135 
HIS HA   H N N 136 
HIS HB2  H N N 137 
HIS HB3  H N N 138 
HIS HD1  H N N 139 
HIS HD2  H N N 140 
HIS HE1  H N N 141 
HIS HE2  H N N 142 
HIS HXT  H N N 143 
HOH O    O N N 144 
HOH H1   H N N 145 
HOH H2   H N N 146 
ILE N    N N N 147 
ILE CA   C N S 148 
ILE C    C N N 149 
ILE O    O N N 150 
ILE CB   C N S 151 
ILE CG1  C N N 152 
ILE CG2  C N N 153 
ILE CD1  C N N 154 
ILE OXT  O N N 155 
ILE H    H N N 156 
ILE H2   H N N 157 
ILE HA   H N N 158 
ILE HB   H N N 159 
ILE HG12 H N N 160 
ILE HG13 H N N 161 
ILE HG21 H N N 162 
ILE HG22 H N N 163 
ILE HG23 H N N 164 
ILE HD11 H N N 165 
ILE HD12 H N N 166 
ILE HD13 H N N 167 
ILE HXT  H N N 168 
LEU N    N N N 169 
LEU CA   C N S 170 
LEU C    C N N 171 
LEU O    O N N 172 
LEU CB   C N N 173 
LEU CG   C N N 174 
LEU CD1  C N N 175 
LEU CD2  C N N 176 
LEU OXT  O N N 177 
LEU H    H N N 178 
LEU H2   H N N 179 
LEU HA   H N N 180 
LEU HB2  H N N 181 
LEU HB3  H N N 182 
LEU HG   H N N 183 
LEU HD11 H N N 184 
LEU HD12 H N N 185 
LEU HD13 H N N 186 
LEU HD21 H N N 187 
LEU HD22 H N N 188 
LEU HD23 H N N 189 
LEU HXT  H N N 190 
LYS N    N N N 191 
LYS CA   C N S 192 
LYS C    C N N 193 
LYS O    O N N 194 
LYS CB   C N N 195 
LYS CG   C N N 196 
LYS CD   C N N 197 
LYS CE   C N N 198 
LYS NZ   N N N 199 
LYS OXT  O N N 200 
LYS H    H N N 201 
LYS H2   H N N 202 
LYS HA   H N N 203 
LYS HB2  H N N 204 
LYS HB3  H N N 205 
LYS HG2  H N N 206 
LYS HG3  H N N 207 
LYS HD2  H N N 208 
LYS HD3  H N N 209 
LYS HE2  H N N 210 
LYS HE3  H N N 211 
LYS HZ1  H N N 212 
LYS HZ2  H N N 213 
LYS HZ3  H N N 214 
LYS HXT  H N N 215 
MET N    N N N 216 
MET CA   C N S 217 
MET C    C N N 218 
MET O    O N N 219 
MET CB   C N N 220 
MET CG   C N N 221 
MET SD   S N N 222 
MET CE   C N N 223 
MET OXT  O N N 224 
MET H    H N N 225 
MET H2   H N N 226 
MET HA   H N N 227 
MET HB2  H N N 228 
MET HB3  H N N 229 
MET HG2  H N N 230 
MET HG3  H N N 231 
MET HE1  H N N 232 
MET HE2  H N N 233 
MET HE3  H N N 234 
MET HXT  H N N 235 
PHE N    N N N 236 
PHE CA   C N S 237 
PHE C    C N N 238 
PHE O    O N N 239 
PHE CB   C N N 240 
PHE CG   C Y N 241 
PHE CD1  C Y N 242 
PHE CD2  C Y N 243 
PHE CE1  C Y N 244 
PHE CE2  C Y N 245 
PHE CZ   C Y N 246 
PHE OXT  O N N 247 
PHE H    H N N 248 
PHE H2   H N N 249 
PHE HA   H N N 250 
PHE HB2  H N N 251 
PHE HB3  H N N 252 
PHE HD1  H N N 253 
PHE HD2  H N N 254 
PHE HE1  H N N 255 
PHE HE2  H N N 256 
PHE HZ   H N N 257 
PHE HXT  H N N 258 
PRO N    N N N 259 
PRO CA   C N S 260 
PRO C    C N N 261 
PRO O    O N N 262 
PRO CB   C N N 263 
PRO CG   C N N 264 
PRO CD   C N N 265 
PRO OXT  O N N 266 
PRO H    H N N 267 
PRO HA   H N N 268 
PRO HB2  H N N 269 
PRO HB3  H N N 270 
PRO HG2  H N N 271 
PRO HG3  H N N 272 
PRO HD2  H N N 273 
PRO HD3  H N N 274 
PRO HXT  H N N 275 
SER N    N N N 276 
SER CA   C N S 277 
SER C    C N N 278 
SER O    O N N 279 
SER CB   C N N 280 
SER OG   O N N 281 
SER OXT  O N N 282 
SER H    H N N 283 
SER H2   H N N 284 
SER HA   H N N 285 
SER HB2  H N N 286 
SER HB3  H N N 287 
SER HG   H N N 288 
SER HXT  H N N 289 
THR N    N N N 290 
THR CA   C N S 291 
THR C    C N N 292 
THR O    O N N 293 
THR CB   C N R 294 
THR OG1  O N N 295 
THR CG2  C N N 296 
THR OXT  O N N 297 
THR H    H N N 298 
THR H2   H N N 299 
THR HA   H N N 300 
THR HB   H N N 301 
THR HG1  H N N 302 
THR HG21 H N N 303 
THR HG22 H N N 304 
THR HG23 H N N 305 
THR HXT  H N N 306 
TYR N    N N N 307 
TYR CA   C N S 308 
TYR C    C N N 309 
TYR O    O N N 310 
TYR CB   C N N 311 
TYR CG   C Y N 312 
TYR CD1  C Y N 313 
TYR CD2  C Y N 314 
TYR CE1  C Y N 315 
TYR CE2  C Y N 316 
TYR CZ   C Y N 317 
TYR OH   O N N 318 
TYR OXT  O N N 319 
TYR H    H N N 320 
TYR H2   H N N 321 
TYR HA   H N N 322 
TYR HB2  H N N 323 
TYR HB3  H N N 324 
TYR HD1  H N N 325 
TYR HD2  H N N 326 
TYR HE1  H N N 327 
TYR HE2  H N N 328 
TYR HH   H N N 329 
TYR HXT  H N N 330 
VAL N    N N N 331 
VAL CA   C N S 332 
VAL C    C N N 333 
VAL O    O N N 334 
VAL CB   C N N 335 
VAL CG1  C N N 336 
VAL CG2  C N N 337 
VAL OXT  O N N 338 
VAL H    H N N 339 
VAL H2   H N N 340 
VAL HA   H N N 341 
VAL HB   H N N 342 
VAL HG11 H N N 343 
VAL HG12 H N N 344 
VAL HG13 H N N 345 
VAL HG21 H N N 346 
VAL HG22 H N N 347 
VAL HG23 H N N 348 
VAL HXT  H N N 349 
# 
loop_
_chem_comp_bond.comp_id 
_chem_comp_bond.atom_id_1 
_chem_comp_bond.atom_id_2 
_chem_comp_bond.value_order 
_chem_comp_bond.pdbx_aromatic_flag 
_chem_comp_bond.pdbx_stereo_config 
_chem_comp_bond.pdbx_ordinal 
ALA N   CA   sing N N 1   
ALA N   H    sing N N 2   
ALA N   H2   sing N N 3   
ALA CA  C    sing N N 4   
ALA CA  CB   sing N N 5   
ALA CA  HA   sing N N 6   
ALA C   O    doub N N 7   
ALA C   OXT  sing N N 8   
ALA CB  HB1  sing N N 9   
ALA CB  HB2  sing N N 10  
ALA CB  HB3  sing N N 11  
ALA OXT HXT  sing N N 12  
ARG N   CA   sing N N 13  
ARG N   H    sing N N 14  
ARG N   H2   sing N N 15  
ARG CA  C    sing N N 16  
ARG CA  CB   sing N N 17  
ARG CA  HA   sing N N 18  
ARG C   O    doub N N 19  
ARG C   OXT  sing N N 20  
ARG CB  CG   sing N N 21  
ARG CB  HB2  sing N N 22  
ARG CB  HB3  sing N N 23  
ARG CG  CD   sing N N 24  
ARG CG  HG2  sing N N 25  
ARG CG  HG3  sing N N 26  
ARG CD  NE   sing N N 27  
ARG CD  HD2  sing N N 28  
ARG CD  HD3  sing N N 29  
ARG NE  CZ   sing N N 30  
ARG NE  HE   sing N N 31  
ARG CZ  NH1  sing N N 32  
ARG CZ  NH2  doub N N 33  
ARG NH1 HH11 sing N N 34  
ARG NH1 HH12 sing N N 35  
ARG NH2 HH21 sing N N 36  
ARG NH2 HH22 sing N N 37  
ARG OXT HXT  sing N N 38  
ASN N   CA   sing N N 39  
ASN N   H    sing N N 40  
ASN N   H2   sing N N 41  
ASN CA  C    sing N N 42  
ASN CA  CB   sing N N 43  
ASN CA  HA   sing N N 44  
ASN C   O    doub N N 45  
ASN C   OXT  sing N N 46  
ASN CB  CG   sing N N 47  
ASN CB  HB2  sing N N 48  
ASN CB  HB3  sing N N 49  
ASN CG  OD1  doub N N 50  
ASN CG  ND2  sing N N 51  
ASN ND2 HD21 sing N N 52  
ASN ND2 HD22 sing N N 53  
ASN OXT HXT  sing N N 54  
ASP N   CA   sing N N 55  
ASP N   H    sing N N 56  
ASP N   H2   sing N N 57  
ASP CA  C    sing N N 58  
ASP CA  CB   sing N N 59  
ASP CA  HA   sing N N 60  
ASP C   O    doub N N 61  
ASP C   OXT  sing N N 62  
ASP CB  CG   sing N N 63  
ASP CB  HB2  sing N N 64  
ASP CB  HB3  sing N N 65  
ASP CG  OD1  doub N N 66  
ASP CG  OD2  sing N N 67  
ASP OD2 HD2  sing N N 68  
ASP OXT HXT  sing N N 69  
GLN N   CA   sing N N 70  
GLN N   H    sing N N 71  
GLN N   H2   sing N N 72  
GLN CA  C    sing N N 73  
GLN CA  CB   sing N N 74  
GLN CA  HA   sing N N 75  
GLN C   O    doub N N 76  
GLN C   OXT  sing N N 77  
GLN CB  CG   sing N N 78  
GLN CB  HB2  sing N N 79  
GLN CB  HB3  sing N N 80  
GLN CG  CD   sing N N 81  
GLN CG  HG2  sing N N 82  
GLN CG  HG3  sing N N 83  
GLN CD  OE1  doub N N 84  
GLN CD  NE2  sing N N 85  
GLN NE2 HE21 sing N N 86  
GLN NE2 HE22 sing N N 87  
GLN OXT HXT  sing N N 88  
GLU N   CA   sing N N 89  
GLU N   H    sing N N 90  
GLU N   H2   sing N N 91  
GLU CA  C    sing N N 92  
GLU CA  CB   sing N N 93  
GLU CA  HA   sing N N 94  
GLU C   O    doub N N 95  
GLU C   OXT  sing N N 96  
GLU CB  CG   sing N N 97  
GLU CB  HB2  sing N N 98  
GLU CB  HB3  sing N N 99  
GLU CG  CD   sing N N 100 
GLU CG  HG2  sing N N 101 
GLU CG  HG3  sing N N 102 
GLU CD  OE1  doub N N 103 
GLU CD  OE2  sing N N 104 
GLU OE2 HE2  sing N N 105 
GLU OXT HXT  sing N N 106 
GLY N   CA   sing N N 107 
GLY N   H    sing N N 108 
GLY N   H2   sing N N 109 
GLY CA  C    sing N N 110 
GLY CA  HA2  sing N N 111 
GLY CA  HA3  sing N N 112 
GLY C   O    doub N N 113 
GLY C   OXT  sing N N 114 
GLY OXT HXT  sing N N 115 
HIS N   CA   sing N N 116 
HIS N   H    sing N N 117 
HIS N   H2   sing N N 118 
HIS CA  C    sing N N 119 
HIS CA  CB   sing N N 120 
HIS CA  HA   sing N N 121 
HIS C   O    doub N N 122 
HIS C   OXT  sing N N 123 
HIS CB  CG   sing N N 124 
HIS CB  HB2  sing N N 125 
HIS CB  HB3  sing N N 126 
HIS CG  ND1  sing Y N 127 
HIS CG  CD2  doub Y N 128 
HIS ND1 CE1  doub Y N 129 
HIS ND1 HD1  sing N N 130 
HIS CD2 NE2  sing Y N 131 
HIS CD2 HD2  sing N N 132 
HIS CE1 NE2  sing Y N 133 
HIS CE1 HE1  sing N N 134 
HIS NE2 HE2  sing N N 135 
HIS OXT HXT  sing N N 136 
HOH O   H1   sing N N 137 
HOH O   H2   sing N N 138 
ILE N   CA   sing N N 139 
ILE N   H    sing N N 140 
ILE N   H2   sing N N 141 
ILE CA  C    sing N N 142 
ILE CA  CB   sing N N 143 
ILE CA  HA   sing N N 144 
ILE C   O    doub N N 145 
ILE C   OXT  sing N N 146 
ILE CB  CG1  sing N N 147 
ILE CB  CG2  sing N N 148 
ILE CB  HB   sing N N 149 
ILE CG1 CD1  sing N N 150 
ILE CG1 HG12 sing N N 151 
ILE CG1 HG13 sing N N 152 
ILE CG2 HG21 sing N N 153 
ILE CG2 HG22 sing N N 154 
ILE CG2 HG23 sing N N 155 
ILE CD1 HD11 sing N N 156 
ILE CD1 HD12 sing N N 157 
ILE CD1 HD13 sing N N 158 
ILE OXT HXT  sing N N 159 
LEU N   CA   sing N N 160 
LEU N   H    sing N N 161 
LEU N   H2   sing N N 162 
LEU CA  C    sing N N 163 
LEU CA  CB   sing N N 164 
LEU CA  HA   sing N N 165 
LEU C   O    doub N N 166 
LEU C   OXT  sing N N 167 
LEU CB  CG   sing N N 168 
LEU CB  HB2  sing N N 169 
LEU CB  HB3  sing N N 170 
LEU CG  CD1  sing N N 171 
LEU CG  CD2  sing N N 172 
LEU CG  HG   sing N N 173 
LEU CD1 HD11 sing N N 174 
LEU CD1 HD12 sing N N 175 
LEU CD1 HD13 sing N N 176 
LEU CD2 HD21 sing N N 177 
LEU CD2 HD22 sing N N 178 
LEU CD2 HD23 sing N N 179 
LEU OXT HXT  sing N N 180 
LYS N   CA   sing N N 181 
LYS N   H    sing N N 182 
LYS N   H2   sing N N 183 
LYS CA  C    sing N N 184 
LYS CA  CB   sing N N 185 
LYS CA  HA   sing N N 186 
LYS C   O    doub N N 187 
LYS C   OXT  sing N N 188 
LYS CB  CG   sing N N 189 
LYS CB  HB2  sing N N 190 
LYS CB  HB3  sing N N 191 
LYS CG  CD   sing N N 192 
LYS CG  HG2  sing N N 193 
LYS CG  HG3  sing N N 194 
LYS CD  CE   sing N N 195 
LYS CD  HD2  sing N N 196 
LYS CD  HD3  sing N N 197 
LYS CE  NZ   sing N N 198 
LYS CE  HE2  sing N N 199 
LYS CE  HE3  sing N N 200 
LYS NZ  HZ1  sing N N 201 
LYS NZ  HZ2  sing N N 202 
LYS NZ  HZ3  sing N N 203 
LYS OXT HXT  sing N N 204 
MET N   CA   sing N N 205 
MET N   H    sing N N 206 
MET N   H2   sing N N 207 
MET CA  C    sing N N 208 
MET CA  CB   sing N N 209 
MET CA  HA   sing N N 210 
MET C   O    doub N N 211 
MET C   OXT  sing N N 212 
MET CB  CG   sing N N 213 
MET CB  HB2  sing N N 214 
MET CB  HB3  sing N N 215 
MET CG  SD   sing N N 216 
MET CG  HG2  sing N N 217 
MET CG  HG3  sing N N 218 
MET SD  CE   sing N N 219 
MET CE  HE1  sing N N 220 
MET CE  HE2  sing N N 221 
MET CE  HE3  sing N N 222 
MET OXT HXT  sing N N 223 
PHE N   CA   sing N N 224 
PHE N   H    sing N N 225 
PHE N   H2   sing N N 226 
PHE CA  C    sing N N 227 
PHE CA  CB   sing N N 228 
PHE CA  HA   sing N N 229 
PHE C   O    doub N N 230 
PHE C   OXT  sing N N 231 
PHE CB  CG   sing N N 232 
PHE CB  HB2  sing N N 233 
PHE CB  HB3  sing N N 234 
PHE CG  CD1  doub Y N 235 
PHE CG  CD2  sing Y N 236 
PHE CD1 CE1  sing Y N 237 
PHE CD1 HD1  sing N N 238 
PHE CD2 CE2  doub Y N 239 
PHE CD2 HD2  sing N N 240 
PHE CE1 CZ   doub Y N 241 
PHE CE1 HE1  sing N N 242 
PHE CE2 CZ   sing Y N 243 
PHE CE2 HE2  sing N N 244 
PHE CZ  HZ   sing N N 245 
PHE OXT HXT  sing N N 246 
PRO N   CA   sing N N 247 
PRO N   CD   sing N N 248 
PRO N   H    sing N N 249 
PRO CA  C    sing N N 250 
PRO CA  CB   sing N N 251 
PRO CA  HA   sing N N 252 
PRO C   O    doub N N 253 
PRO C   OXT  sing N N 254 
PRO CB  CG   sing N N 255 
PRO CB  HB2  sing N N 256 
PRO CB  HB3  sing N N 257 
PRO CG  CD   sing N N 258 
PRO CG  HG2  sing N N 259 
PRO CG  HG3  sing N N 260 
PRO CD  HD2  sing N N 261 
PRO CD  HD3  sing N N 262 
PRO OXT HXT  sing N N 263 
SER N   CA   sing N N 264 
SER N   H    sing N N 265 
SER N   H2   sing N N 266 
SER CA  C    sing N N 267 
SER CA  CB   sing N N 268 
SER CA  HA   sing N N 269 
SER C   O    doub N N 270 
SER C   OXT  sing N N 271 
SER CB  OG   sing N N 272 
SER CB  HB2  sing N N 273 
SER CB  HB3  sing N N 274 
SER OG  HG   sing N N 275 
SER OXT HXT  sing N N 276 
THR N   CA   sing N N 277 
THR N   H    sing N N 278 
THR N   H2   sing N N 279 
THR CA  C    sing N N 280 
THR CA  CB   sing N N 281 
THR CA  HA   sing N N 282 
THR C   O    doub N N 283 
THR C   OXT  sing N N 284 
THR CB  OG1  sing N N 285 
THR CB  CG2  sing N N 286 
THR CB  HB   sing N N 287 
THR OG1 HG1  sing N N 288 
THR CG2 HG21 sing N N 289 
THR CG2 HG22 sing N N 290 
THR CG2 HG23 sing N N 291 
THR OXT HXT  sing N N 292 
TYR N   CA   sing N N 293 
TYR N   H    sing N N 294 
TYR N   H2   sing N N 295 
TYR CA  C    sing N N 296 
TYR CA  CB   sing N N 297 
TYR CA  HA   sing N N 298 
TYR C   O    doub N N 299 
TYR C   OXT  sing N N 300 
TYR CB  CG   sing N N 301 
TYR CB  HB2  sing N N 302 
TYR CB  HB3  sing N N 303 
TYR CG  CD1  doub Y N 304 
TYR CG  CD2  sing Y N 305 
TYR CD1 CE1  sing Y N 306 
TYR CD1 HD1  sing N N 307 
TYR CD2 CE2  doub Y N 308 
TYR CD2 HD2  sing N N 309 
TYR CE1 CZ   doub Y N 310 
TYR CE1 HE1  sing N N 311 
TYR CE2 CZ   sing Y N 312 
TYR CE2 HE2  sing N N 313 
TYR CZ  OH   sing N N 314 
TYR OH  HH   sing N N 315 
TYR OXT HXT  sing N N 316 
VAL N   CA   sing N N 317 
VAL N   H    sing N N 318 
VAL N   H2   sing N N 319 
VAL CA  C    sing N N 320 
VAL CA  CB   sing N N 321 
VAL CA  HA   sing N N 322 
VAL C   O    doub N N 323 
VAL C   OXT  sing N N 324 
VAL CB  CG1  sing N N 325 
VAL CB  CG2  sing N N 326 
VAL CB  HB   sing N N 327 
VAL CG1 HG11 sing N N 328 
VAL CG1 HG12 sing N N 329 
VAL CG1 HG13 sing N N 330 
VAL CG2 HG21 sing N N 331 
VAL CG2 HG22 sing N N 332 
VAL CG2 HG23 sing N N 333 
VAL OXT HXT  sing N N 334 
# 
_pdbx_entity_nonpoly.entity_id   2 
_pdbx_entity_nonpoly.name        water 
_pdbx_entity_nonpoly.comp_id     HOH 
# 
_pdbx_initial_refinement_model.id               1 
_pdbx_initial_refinement_model.entity_id_list   ? 
_pdbx_initial_refinement_model.type             'experimental model' 
_pdbx_initial_refinement_model.source_name      PDB 
_pdbx_initial_refinement_model.accession_code   1AIK 
_pdbx_initial_refinement_model.details          'Polyalanine-gp41  (PDB ID; 1AIK.pdb)' 
# 
